data_6DDS
#
_entry.id   6DDS
#
_cell.length_a   59.204
_cell.length_b   60.804
_cell.length_c   60.723
_cell.angle_alpha   90.15
_cell.angle_beta   89.94
_cell.angle_gamma   90.02
#
_symmetry.space_group_name_H-M   'P 1'
#
loop_
_entity.id
_entity.type
_entity.pdbx_description
1 polymer 'Dihydrofolate reductase'
2 non-polymer 'NADPH DIHYDRO-NICOTINAMIDE-ADENINE-DINUCLEOTIDE PHOSPHATE'
3 non-polymer '4-[3-[3-[2,4-bis(azanyl)-6-ethyl-pyrimidin-5-yl]prop-2-ynyl]-5-methoxy-phenyl]benzoic acid'
4 non-polymer 'ACETATE ION'
5 non-polymer 'SODIUM ION'
6 non-polymer GLYCEROL
7 water water
#
_entity_poly.entity_id   1
_entity_poly.type   'polypeptide(L)'
_entity_poly.pdbx_seq_one_letter_code
;MVGLIWAQATSGVIGRGGDIPWRLPEDQAHFREITMGHTIVMGRRTWDSLPAKVRPLPGRRNVVLSRQADFMASGAEVVG
SLEEALTSPETWVIGGGQVYALALPYATRCEVTEVDIGLPREAGDALAPVLDETWRGETGEWRFSRSGLRYRLYSYHRS
;
_entity_poly.pdbx_strand_id   A,B,C,D
#
loop_
_chem_comp.id
_chem_comp.type
_chem_comp.name
_chem_comp.formula
ACT non-polymer 'ACETATE ION' 'C2 H3 O2 -1'
GOL non-polymer GLYCEROL 'C3 H8 O3'
NA non-polymer 'SODIUM ION' 'Na 1'
NDP non-polymer 'NADPH DIHYDRO-NICOTINAMIDE-ADENINE-DINUCLEOTIDE PHOSPHATE' 'C21 H30 N7 O17 P3'
U75 non-polymer '4-[3-[3-[2,4-bis(azanyl)-6-ethyl-pyrimidin-5-yl]prop-2-ynyl]-5-methoxy-phenyl]benzoic acid' 'C23 H22 N4 O3'
#
# COMPACT_ATOMS: atom_id res chain seq x y z
N MET A 1 4.91 35.84 -8.69
CA MET A 1 5.65 35.65 -7.45
C MET A 1 5.98 34.17 -7.24
N VAL A 2 7.28 33.87 -7.20
CA VAL A 2 7.72 32.54 -6.82
C VAL A 2 8.28 32.61 -5.39
N GLY A 3 7.76 31.76 -4.53
CA GLY A 3 8.24 31.72 -3.16
C GLY A 3 8.77 30.33 -2.84
N LEU A 4 9.75 30.28 -1.94
CA LEU A 4 10.29 29.02 -1.41
C LEU A 4 9.79 28.84 0.02
N ILE A 5 9.36 27.65 0.38
CA ILE A 5 8.98 27.40 1.77
C ILE A 5 9.64 26.12 2.22
N TRP A 6 10.33 26.19 3.37
CA TRP A 6 10.97 25.02 3.94
C TRP A 6 11.12 25.12 5.45
N ALA A 7 11.38 23.97 6.08
CA ALA A 7 11.75 23.90 7.49
C ALA A 7 13.15 23.32 7.58
N GLN A 8 13.99 23.95 8.39
CA GLN A 8 15.37 23.49 8.47
C GLN A 8 15.82 23.45 9.91
N ALA A 9 16.71 22.51 10.21
CA ALA A 9 17.45 22.57 11.45
C ALA A 9 18.32 23.80 11.39
N THR A 10 18.76 24.31 12.54
CA THR A 10 19.67 25.44 12.50
C THR A 10 20.87 25.17 11.56
N SER A 11 21.30 23.92 11.50
CA SER A 11 22.48 23.52 10.72
C SER A 11 22.29 23.69 9.23
N GLY A 12 21.04 23.75 8.80
CA GLY A 12 20.73 23.86 7.39
C GLY A 12 20.14 22.58 6.82
N VAL A 13 20.20 21.50 7.56
CA VAL A 13 19.67 20.22 7.09
C VAL A 13 18.15 20.32 6.93
N ILE A 14 17.63 19.91 5.78
CA ILE A 14 16.19 19.82 5.56
C ILE A 14 15.76 18.40 5.28
N GLY A 15 16.70 17.52 4.98
CA GLY A 15 16.32 16.16 4.64
C GLY A 15 17.47 15.20 4.85
N ARG A 16 17.11 13.96 5.21
CA ARG A 16 18.11 12.90 5.38
C ARG A 16 17.45 11.54 5.21
N GLY A 17 18.05 10.69 4.38
CA GLY A 17 17.51 9.37 4.11
C GLY A 17 16.12 9.41 3.50
N GLY A 18 15.82 10.49 2.77
CA GLY A 18 14.52 10.65 2.16
C GLY A 18 13.47 11.20 3.11
N ASP A 19 13.86 11.47 4.35
CA ASP A 19 12.90 11.93 5.38
C ASP A 19 13.22 13.32 5.92
N ILE A 20 12.22 13.96 6.51
CA ILE A 20 12.46 15.15 7.31
C ILE A 20 12.84 14.67 8.71
N PRO A 21 14.07 14.97 9.15
CA PRO A 21 14.64 14.35 10.37
C PRO A 21 14.17 14.97 11.69
N TRP A 22 12.88 15.32 11.76
CA TRP A 22 12.23 15.74 13.00
C TRP A 22 10.72 15.70 12.83
N ARG A 23 10.01 15.84 13.96
CA ARG A 23 8.56 15.97 13.96
C ARG A 23 8.16 17.34 14.54
N LEU A 24 7.35 18.08 13.79
CA LEU A 24 6.93 19.41 14.20
C LEU A 24 5.58 19.74 13.60
N PRO A 25 4.50 19.22 14.23
CA PRO A 25 3.12 19.39 13.74
C PRO A 25 2.72 20.85 13.53
N GLU A 26 3.25 21.73 14.38
CA GLU A 26 2.94 23.14 14.27
C GLU A 26 3.43 23.68 12.92
N ASP A 27 4.53 23.12 12.44
CA ASP A 27 5.07 23.56 11.16
C ASP A 27 4.15 23.16 10.01
N GLN A 28 3.60 21.96 10.07
CA GLN A 28 2.64 21.54 9.04
C GLN A 28 1.48 22.54 8.89
N ALA A 29 0.96 23.02 10.01
CA ALA A 29 -0.16 23.95 9.97
C ALA A 29 0.24 25.27 9.33
N HIS A 30 1.44 25.72 9.64
CA HIS A 30 1.99 26.92 9.04
C HIS A 30 2.18 26.73 7.54
N PHE A 31 2.70 25.57 7.17
CA PHE A 31 2.92 25.23 5.76
C PHE A 31 1.60 25.25 5.01
N ARG A 32 0.57 24.68 5.64
CA ARG A 32 -0.73 24.57 4.98
C ARG A 32 -1.35 25.95 4.76
N GLU A 33 -1.15 26.87 5.70
CA GLU A 33 -1.80 28.16 5.57
C GLU A 33 -1.13 29.01 4.49
N ILE A 34 0.17 28.81 4.30
CA ILE A 34 0.88 29.52 3.26
C ILE A 34 0.51 28.99 1.87
N THR A 35 0.41 27.67 1.76
CA THR A 35 0.29 27.04 0.44
C THR A 35 -1.15 26.80 -0.04
N MET A 36 -2.11 26.77 0.89
CA MET A 36 -3.48 26.41 0.52
C MET A 36 -4.04 27.27 -0.61
N GLY A 37 -4.61 26.62 -1.61
CA GLY A 37 -5.28 27.31 -2.71
C GLY A 37 -4.33 27.75 -3.81
N HIS A 38 -3.06 27.39 -3.68
CA HIS A 38 -2.07 27.81 -4.67
C HIS A 38 -1.43 26.63 -5.37
N THR A 39 -0.73 26.93 -6.44
CA THR A 39 0.14 25.95 -7.07
C THR A 39 1.37 25.70 -6.21
N ILE A 40 1.69 24.43 -5.98
CA ILE A 40 2.94 24.07 -5.31
C ILE A 40 3.80 23.29 -6.29
N VAL A 41 5.11 23.51 -6.21
CA VAL A 41 6.04 22.83 -7.10
C VAL A 41 7.02 22.06 -6.27
N MET A 42 7.33 20.83 -6.68
CA MET A 42 8.22 19.97 -5.92
C MET A 42 8.99 19.04 -6.84
N GLY A 43 10.18 18.65 -6.41
CA GLY A 43 10.91 17.64 -7.14
C GLY A 43 10.27 16.27 -6.94
N ARG A 44 10.57 15.35 -7.84
CA ARG A 44 9.96 14.02 -7.79
C ARG A 44 10.25 13.28 -6.49
N ARG A 45 11.43 13.44 -5.91
CA ARG A 45 11.72 12.76 -4.66
C ARG A 45 10.81 13.27 -3.53
N THR A 46 10.51 14.55 -3.57
CA THR A 46 9.63 15.12 -2.55
C THR A 46 8.21 14.61 -2.76
N TRP A 47 7.76 14.52 -4.02
CA TRP A 47 6.47 13.90 -4.30
C TRP A 47 6.39 12.48 -3.72
N ASP A 48 7.43 11.68 -3.96
CA ASP A 48 7.44 10.30 -3.48
C ASP A 48 7.31 10.25 -1.95
N SER A 49 7.87 11.24 -1.27
CA SER A 49 7.89 11.25 0.21
C SER A 49 6.55 11.61 0.84
N LEU A 50 5.64 12.19 0.07
CA LEU A 50 4.32 12.50 0.60
C LEU A 50 3.58 11.22 1.00
N PRO A 51 3.04 11.20 2.23
CA PRO A 51 2.17 10.07 2.63
C PRO A 51 1.04 9.90 1.60
N ALA A 52 0.70 8.67 1.29
CA ALA A 52 -0.29 8.38 0.24
C ALA A 52 -1.63 9.04 0.52
N LYS A 53 -1.97 9.19 1.80
CA LYS A 53 -3.24 9.77 2.22
C LYS A 53 -3.37 11.23 1.79
N VAL A 54 -2.22 11.87 1.55
CA VAL A 54 -2.17 13.27 1.14
C VAL A 54 -1.27 13.46 -0.08
N ARG A 55 -1.31 12.49 -0.98
CA ARG A 55 -0.61 12.57 -2.25
C ARG A 55 -1.64 12.38 -3.36
N PRO A 56 -2.03 13.47 -4.04
CA PRO A 56 -1.53 14.84 -3.96
C PRO A 56 -2.03 15.59 -2.73
N LEU A 57 -1.32 16.65 -2.35
CA LEU A 57 -1.76 17.51 -1.26
C LEU A 57 -3.05 18.22 -1.67
N PRO A 58 -4.11 18.03 -0.88
CA PRO A 58 -5.42 18.57 -1.29
C PRO A 58 -5.47 20.09 -1.23
N GLY A 59 -6.29 20.68 -2.10
CA GLY A 59 -6.54 22.10 -2.08
C GLY A 59 -5.43 22.90 -2.73
N ARG A 60 -4.47 22.19 -3.31
CA ARG A 60 -3.29 22.77 -3.97
C ARG A 60 -3.04 22.09 -5.30
N ARG A 61 -2.65 22.85 -6.31
CA ARG A 61 -2.32 22.26 -7.59
C ARG A 61 -0.91 21.70 -7.49
N ASN A 62 -0.79 20.38 -7.49
CA ASN A 62 0.51 19.72 -7.28
C ASN A 62 1.29 19.62 -8.57
N VAL A 63 2.43 20.30 -8.66
CA VAL A 63 3.26 20.27 -9.87
C VAL A 63 4.57 19.58 -9.53
N VAL A 64 4.91 18.53 -10.28
CA VAL A 64 6.06 17.71 -9.91
C VAL A 64 7.09 17.72 -11.03
N LEU A 65 8.33 18.09 -10.70
CA LEU A 65 9.40 18.15 -11.68
C LEU A 65 10.11 16.78 -11.78
N SER A 66 10.19 16.26 -12.99
CA SER A 66 10.91 15.00 -13.25
C SER A 66 11.56 15.07 -14.62
N ARG A 67 12.73 14.47 -14.74
CA ARG A 67 13.39 14.37 -16.04
C ARG A 67 12.97 13.09 -16.76
N GLN A 68 12.14 12.28 -16.10
CA GLN A 68 11.56 11.10 -16.72
C GLN A 68 10.32 11.51 -17.52
N ALA A 69 10.42 11.47 -18.84
CA ALA A 69 9.39 12.04 -19.71
C ALA A 69 8.05 11.34 -19.57
N ASP A 70 8.09 10.09 -19.08
CA ASP A 70 6.88 9.29 -18.95
C ASP A 70 6.48 9.03 -17.50
N PHE A 71 7.06 9.80 -16.58
CA PHE A 71 6.66 9.67 -15.18
C PHE A 71 5.29 10.30 -15.03
N MET A 72 4.42 9.58 -14.36
CA MET A 72 3.06 10.04 -14.13
C MET A 72 2.71 9.69 -12.69
N ALA A 73 1.88 10.52 -12.08
CA ALA A 73 1.43 10.28 -10.73
C ALA A 73 0.04 10.88 -10.60
N SER A 74 -0.88 10.10 -10.05
CA SER A 74 -2.25 10.53 -9.89
C SER A 74 -2.34 11.83 -9.10
N GLY A 75 -2.97 12.84 -9.70
CA GLY A 75 -3.20 14.12 -9.04
C GLY A 75 -2.08 15.13 -9.19
N ALA A 76 -0.99 14.73 -9.84
CA ALA A 76 0.13 15.64 -10.03
C ALA A 76 0.31 16.02 -11.49
N GLU A 77 0.66 17.28 -11.73
CA GLU A 77 1.09 17.66 -13.06
C GLU A 77 2.60 17.43 -13.19
N VAL A 78 2.99 16.41 -13.94
CA VAL A 78 4.41 16.13 -14.12
C VAL A 78 4.93 16.99 -15.27
N VAL A 79 6.03 17.71 -15.00
CA VAL A 79 6.62 18.60 -16.00
C VAL A 79 8.11 18.31 -16.05
N GLY A 80 8.71 18.57 -17.20
CA GLY A 80 10.11 18.22 -17.41
C GLY A 80 11.11 19.36 -17.21
N SER A 81 10.59 20.56 -16.96
CA SER A 81 11.45 21.74 -16.82
C SER A 81 10.87 22.75 -15.83
N LEU A 82 11.73 23.60 -15.29
CA LEU A 82 11.27 24.59 -14.32
C LEU A 82 10.37 25.61 -14.99
N GLU A 83 10.68 25.96 -16.24
CA GLU A 83 9.89 26.94 -16.97
C GLU A 83 8.43 26.51 -17.04
N GLU A 84 8.20 25.22 -17.27
CA GLU A 84 6.84 24.69 -17.33
C GLU A 84 6.21 24.71 -15.95
N ALA A 85 7.05 24.66 -14.92
CA ALA A 85 6.54 24.58 -13.55
C ALA A 85 6.09 25.93 -12.95
N LEU A 86 6.58 27.05 -13.47
CA LEU A 86 6.44 28.32 -12.75
C LEU A 86 5.48 29.32 -13.37
N THR A 87 4.48 28.84 -14.09
CA THR A 87 3.59 29.72 -14.82
C THR A 87 2.48 30.37 -13.99
N SER A 88 2.17 29.82 -12.81
CA SER A 88 1.17 30.45 -11.95
C SER A 88 1.75 31.70 -11.27
N PRO A 89 1.01 32.81 -11.31
CA PRO A 89 1.35 34.10 -10.69
C PRO A 89 1.82 33.97 -9.24
N GLU A 90 1.21 33.08 -8.47
N GLU A 90 1.20 33.09 -8.47
CA GLU A 90 1.70 32.78 -7.12
CA GLU A 90 1.69 32.76 -7.14
C GLU A 90 2.01 31.29 -7.03
C GLU A 90 2.02 31.28 -7.10
N THR A 91 3.29 30.97 -6.85
CA THR A 91 3.73 29.60 -6.85
C THR A 91 4.61 29.39 -5.65
N TRP A 92 4.38 28.31 -4.93
CA TRP A 92 5.21 27.97 -3.79
C TRP A 92 6.01 26.72 -4.06
N VAL A 93 7.33 26.86 -4.02
CA VAL A 93 8.22 25.71 -4.16
C VAL A 93 8.41 25.06 -2.80
N ILE A 94 8.04 23.77 -2.70
CA ILE A 94 7.98 23.12 -1.41
C ILE A 94 9.06 22.04 -1.23
N GLY A 95 10.06 22.05 -2.11
CA GLY A 95 11.20 21.14 -1.98
C GLY A 95 11.43 20.23 -3.17
N GLY A 96 12.51 19.43 -3.14
CA GLY A 96 13.43 19.39 -2.01
C GLY A 96 14.71 20.17 -2.28
N GLY A 97 15.85 19.67 -1.78
CA GLY A 97 17.11 20.38 -1.94
C GLY A 97 17.45 20.78 -3.36
N GLN A 98 17.34 19.84 -4.30
CA GLN A 98 17.66 20.12 -5.69
C GLN A 98 16.78 21.22 -6.29
N VAL A 99 15.49 21.14 -6.03
CA VAL A 99 14.55 22.08 -6.63
C VAL A 99 14.64 23.47 -5.98
N TYR A 100 14.93 23.56 -4.67
CA TYR A 100 15.16 24.90 -4.10
C TYR A 100 16.32 25.57 -4.84
N ALA A 101 17.43 24.84 -5.03
CA ALA A 101 18.58 25.41 -5.70
C ALA A 101 18.20 25.86 -7.11
N LEU A 102 17.42 25.04 -7.79
CA LEU A 102 16.98 25.30 -9.15
C LEU A 102 16.12 26.57 -9.25
N ALA A 103 15.23 26.75 -8.28
CA ALA A 103 14.23 27.82 -8.31
C ALA A 103 14.68 29.11 -7.63
N LEU A 104 15.74 29.04 -6.82
CA LEU A 104 16.18 30.17 -6.00
C LEU A 104 16.28 31.50 -6.79
N PRO A 105 16.87 31.47 -8.00
CA PRO A 105 17.02 32.76 -8.71
C PRO A 105 15.68 33.37 -9.14
N TYR A 106 14.65 32.53 -9.22
CA TYR A 106 13.32 32.96 -9.64
C TYR A 106 12.48 33.46 -8.46
N ALA A 107 13.00 33.23 -7.25
CA ALA A 107 12.23 33.49 -6.03
C ALA A 107 12.44 34.90 -5.45
N THR A 108 11.34 35.47 -4.94
CA THR A 108 11.35 36.76 -4.26
C THR A 108 10.77 36.68 -2.85
N ARG A 109 10.34 35.49 -2.44
CA ARG A 109 9.92 35.29 -1.05
C ARG A 109 10.42 33.95 -0.54
N CYS A 110 10.85 33.90 0.72
CA CYS A 110 11.11 32.63 1.39
C CYS A 110 10.39 32.66 2.72
N GLU A 111 9.74 31.56 3.03
CA GLU A 111 9.11 31.37 4.32
C GLU A 111 9.81 30.21 4.97
N VAL A 112 10.55 30.49 6.04
CA VAL A 112 11.42 29.50 6.63
C VAL A 112 10.99 29.20 8.05
N THR A 113 10.97 27.93 8.40
CA THR A 113 10.84 27.51 9.78
C THR A 113 12.19 27.01 10.26
N GLU A 114 12.73 27.62 11.31
CA GLU A 114 13.95 27.13 11.93
C GLU A 114 13.62 26.24 13.11
N VAL A 115 14.21 25.06 13.14
CA VAL A 115 13.99 24.09 14.20
C VAL A 115 15.26 23.97 15.05
N ASP A 116 15.16 24.31 16.34
CA ASP A 116 16.33 24.31 17.22
C ASP A 116 16.63 22.91 17.72
N ILE A 117 17.18 22.10 16.82
CA ILE A 117 17.53 20.72 17.11
C ILE A 117 18.98 20.52 16.72
N GLY A 118 19.71 19.75 17.53
CA GLY A 118 21.09 19.47 17.25
C GLY A 118 21.16 18.42 16.15
N LEU A 119 21.67 18.82 15.00
CA LEU A 119 21.66 17.96 13.82
C LEU A 119 22.76 18.39 12.85
N PRO A 120 24.03 18.13 13.21
CA PRO A 120 25.12 18.51 12.31
C PRO A 120 24.96 17.88 10.91
N ARG A 121 25.38 18.61 9.89
CA ARG A 121 25.21 18.10 8.52
C ARG A 121 26.01 16.83 8.31
N GLU A 122 25.48 15.94 7.48
CA GLU A 122 26.19 14.75 7.04
C GLU A 122 26.20 14.73 5.51
N ALA A 123 27.24 14.14 4.91
CA ALA A 123 27.33 14.12 3.46
C ALA A 123 26.07 13.47 2.83
N GLY A 124 25.57 14.07 1.75
CA GLY A 124 24.39 13.56 1.10
C GLY A 124 23.08 14.09 1.67
N ASP A 125 23.14 14.85 2.76
CA ASP A 125 21.96 15.53 3.31
C ASP A 125 21.34 16.47 2.28
N ALA A 126 20.02 16.61 2.32
CA ALA A 126 19.38 17.70 1.59
C ALA A 126 19.49 18.94 2.47
N LEU A 127 19.89 20.06 1.88
CA LEU A 127 20.14 21.29 2.62
C LEU A 127 19.29 22.44 2.12
N ALA A 128 19.04 23.39 3.01
CA ALA A 128 18.35 24.62 2.65
C ALA A 128 19.27 25.48 1.79
N PRO A 129 18.67 26.23 0.86
CA PRO A 129 19.52 27.14 0.08
C PRO A 129 20.02 28.29 0.97
N VAL A 130 21.12 28.90 0.57
CA VAL A 130 21.68 29.99 1.35
C VAL A 130 21.11 31.30 0.84
N LEU A 131 20.60 32.10 1.77
CA LEU A 131 20.02 33.39 1.42
C LEU A 131 21.08 34.48 1.63
N ASP A 132 21.47 35.11 0.52
CA ASP A 132 22.54 36.10 0.56
C ASP A 132 22.03 37.51 0.86
N GLU A 133 22.91 38.48 0.62
N GLU A 133 22.89 38.50 0.64
CA GLU A 133 22.68 39.90 0.91
CA GLU A 133 22.61 39.88 0.98
C GLU A 133 21.50 40.52 0.15
C GLU A 133 21.47 40.50 0.18
N THR A 134 21.02 39.85 -0.89
CA THR A 134 19.92 40.44 -1.68
C THR A 134 18.60 40.36 -0.92
N TRP A 135 18.57 39.51 0.11
CA TRP A 135 17.36 39.25 0.89
C TRP A 135 17.26 40.09 2.16
N ARG A 136 16.06 40.54 2.46
CA ARG A 136 15.72 41.11 3.75
C ARG A 136 14.84 40.11 4.49
N GLY A 137 15.02 39.99 5.79
CA GLY A 137 14.18 39.08 6.55
C GLY A 137 13.66 39.70 7.83
N GLU A 138 12.54 39.19 8.32
CA GLU A 138 12.10 39.49 9.68
C GLU A 138 12.05 38.17 10.43
N THR A 139 12.63 38.19 11.63
CA THR A 139 12.73 37.00 12.47
C THR A 139 11.63 36.98 13.51
N GLY A 140 10.85 35.90 13.53
CA GLY A 140 9.78 35.75 14.49
C GLY A 140 10.31 35.35 15.86
N GLU A 141 9.48 35.51 16.89
CA GLU A 141 9.84 35.10 18.25
C GLU A 141 9.87 33.59 18.37
N TRP A 142 10.78 33.06 19.19
CA TRP A 142 10.80 31.63 19.41
C TRP A 142 9.46 31.14 19.94
N ARG A 143 9.01 30.01 19.39
CA ARG A 143 7.80 29.37 19.84
C ARG A 143 8.20 28.01 20.38
N PHE A 144 7.31 27.40 21.15
CA PHE A 144 7.64 26.15 21.83
C PHE A 144 6.64 25.07 21.43
N SER A 145 7.17 23.98 20.89
CA SER A 145 6.34 22.93 20.27
C SER A 145 5.66 22.06 21.32
N ARG A 146 4.51 21.52 20.96
CA ARG A 146 3.76 20.59 21.82
C ARG A 146 4.63 19.43 22.26
N SER A 147 5.64 19.10 21.47
CA SER A 147 6.52 17.99 21.78
C SER A 147 7.77 18.46 22.54
N GLY A 148 8.18 19.70 22.35
CA GLY A 148 9.30 20.23 23.11
C GLY A 148 10.43 20.93 22.38
N LEU A 149 10.43 20.89 21.06
CA LEU A 149 11.41 21.67 20.29
C LEU A 149 11.00 23.14 20.23
N ARG A 150 11.98 24.03 20.32
CA ARG A 150 11.71 25.42 20.03
C ARG A 150 11.91 25.59 18.54
N TYR A 151 11.12 26.49 17.97
CA TYR A 151 11.17 26.78 16.56
C TYR A 151 10.79 28.22 16.36
N ARG A 152 11.18 28.80 15.22
CA ARG A 152 10.72 30.14 14.90
C ARG A 152 10.58 30.31 13.39
N LEU A 153 9.84 31.35 13.00
CA LEU A 153 9.54 31.64 11.61
C LEU A 153 10.28 32.85 11.09
N TYR A 154 10.84 32.68 9.90
CA TYR A 154 11.44 33.77 9.15
C TYR A 154 10.62 34.06 7.92
N SER A 155 10.46 35.33 7.60
CA SER A 155 9.89 35.72 6.32
C SER A 155 10.96 36.53 5.61
N TYR A 156 11.37 36.05 4.44
CA TYR A 156 12.37 36.78 3.66
C TYR A 156 11.75 37.30 2.39
N HIS A 157 12.22 38.45 1.93
CA HIS A 157 11.74 38.96 0.66
C HIS A 157 12.81 39.74 -0.05
N ARG A 158 12.70 39.81 -1.36
CA ARG A 158 13.51 40.73 -2.15
C ARG A 158 12.64 41.20 -3.30
N SER A 159 12.81 42.45 -3.69
CA SER A 159 11.88 43.09 -4.63
C SER A 159 12.41 43.08 -6.06
N MET B 1 -2.59 25.50 -23.07
CA MET B 1 -3.83 25.52 -22.29
C MET B 1 -4.56 24.21 -22.44
N VAL B 2 -4.70 23.48 -21.35
CA VAL B 2 -5.53 22.29 -21.34
C VAL B 2 -6.82 22.64 -20.62
N GLY B 3 -7.94 22.42 -21.29
CA GLY B 3 -9.24 22.66 -20.67
C GLY B 3 -10.05 21.38 -20.59
N LEU B 4 -10.90 21.26 -19.58
CA LEU B 4 -11.83 20.13 -19.50
C LEU B 4 -13.23 20.65 -19.81
N ILE B 5 -14.02 19.89 -20.55
CA ILE B 5 -15.41 20.30 -20.78
C ILE B 5 -16.31 19.10 -20.53
N TRP B 6 -17.34 19.32 -19.73
CA TRP B 6 -18.30 18.27 -19.44
C TRP B 6 -19.67 18.80 -19.08
N ALA B 7 -20.65 17.90 -19.13
CA ALA B 7 -22.00 18.18 -18.67
C ALA B 7 -22.28 17.20 -17.54
N GLN B 8 -22.81 17.70 -16.43
CA GLN B 8 -23.07 16.83 -15.31
C GLN B 8 -24.45 17.13 -14.72
N ALA B 9 -25.07 16.10 -14.15
CA ALA B 9 -26.17 16.30 -13.21
C ALA B 9 -25.66 17.04 -12.00
N THR B 10 -26.55 17.69 -11.24
CA THR B 10 -26.10 18.34 -10.02
C THR B 10 -25.30 17.37 -9.12
N SER B 11 -25.71 16.10 -9.12
CA SER B 11 -25.10 15.06 -8.29
C SER B 11 -23.64 14.76 -8.63
N GLY B 12 -23.23 15.15 -9.83
CA GLY B 12 -21.89 14.85 -10.28
C GLY B 12 -21.82 13.76 -11.32
N VAL B 13 -22.93 13.05 -11.53
CA VAL B 13 -22.96 11.99 -12.54
C VAL B 13 -22.77 12.55 -13.96
N ILE B 14 -21.87 11.95 -14.74
CA ILE B 14 -21.72 12.33 -16.14
C ILE B 14 -22.00 11.16 -17.09
N GLY B 15 -21.99 9.95 -16.56
CA GLY B 15 -22.16 8.78 -17.41
C GLY B 15 -22.72 7.61 -16.63
N ARG B 16 -23.54 6.80 -17.32
CA ARG B 16 -24.06 5.58 -16.71
C ARG B 16 -24.45 4.59 -17.80
N GLY B 17 -23.99 3.36 -17.67
CA GLY B 17 -24.25 2.32 -18.66
C GLY B 17 -23.63 2.62 -20.01
N GLY B 18 -22.58 3.43 -20.01
CA GLY B 18 -21.92 3.82 -21.24
C GLY B 18 -22.55 4.99 -21.95
N ASP B 19 -23.63 5.53 -21.38
CA ASP B 19 -24.34 6.66 -22.02
C ASP B 19 -24.39 7.90 -21.13
N ILE B 20 -24.71 9.04 -21.73
CA ILE B 20 -25.04 10.24 -20.97
C ILE B 20 -26.52 10.17 -20.58
N PRO B 21 -26.79 10.17 -19.27
CA PRO B 21 -28.14 9.85 -18.77
C PRO B 21 -29.15 11.00 -18.79
N TRP B 22 -29.10 11.83 -19.84
CA TRP B 22 -30.14 12.85 -20.06
C TRP B 22 -30.12 13.35 -21.50
N ARG B 23 -31.14 14.13 -21.85
CA ARG B 23 -31.22 14.74 -23.18
C ARG B 23 -31.12 16.27 -23.06
N LEU B 24 -30.17 16.87 -23.78
CA LEU B 24 -29.97 18.32 -23.72
C LEU B 24 -29.26 18.84 -24.98
N PRO B 25 -30.03 19.01 -26.08
CA PRO B 25 -29.47 19.48 -27.35
C PRO B 25 -28.75 20.82 -27.23
N GLU B 26 -29.25 21.69 -26.37
CA GLU B 26 -28.64 23.01 -26.19
C GLU B 26 -27.18 22.88 -25.73
N ASP B 27 -26.91 21.79 -25.01
CA ASP B 27 -25.56 21.52 -24.53
C ASP B 27 -24.63 21.17 -25.69
N GLN B 28 -25.11 20.35 -26.63
CA GLN B 28 -24.28 19.96 -27.77
C GLN B 28 -23.79 21.19 -28.53
N ALA B 29 -24.65 22.19 -28.69
CA ALA B 29 -24.28 23.40 -29.40
C ALA B 29 -23.18 24.18 -28.66
N HIS B 30 -23.30 24.22 -27.33
CA HIS B 30 -22.30 24.89 -26.48
C HIS B 30 -20.98 24.15 -26.57
N PHE B 31 -21.06 22.83 -26.57
CA PHE B 31 -19.89 21.97 -26.64
C PHE B 31 -19.21 22.18 -27.99
N ARG B 32 -20.02 22.26 -29.05
CA ARG B 32 -19.46 22.49 -30.39
C ARG B 32 -18.75 23.83 -30.44
N GLU B 33 -19.34 24.85 -29.85
CA GLU B 33 -18.78 26.20 -29.92
C GLU B 33 -17.39 26.27 -29.26
N ILE B 34 -17.22 25.58 -28.14
CA ILE B 34 -15.96 25.60 -27.40
C ILE B 34 -14.86 24.82 -28.13
N THR B 35 -15.25 23.67 -28.69
CA THR B 35 -14.27 22.71 -29.20
C THR B 35 -13.94 22.86 -30.68
N MET B 36 -14.82 23.51 -31.45
CA MET B 36 -14.64 23.60 -32.90
C MET B 36 -13.27 24.17 -33.29
N GLY B 37 -12.58 23.47 -34.19
CA GLY B 37 -11.29 23.92 -34.69
C GLY B 37 -10.10 23.57 -33.80
N HIS B 38 -10.35 22.82 -32.74
CA HIS B 38 -9.29 22.49 -31.79
C HIS B 38 -9.04 21.00 -31.68
N THR B 39 -7.95 20.64 -31.01
CA THR B 39 -7.71 19.25 -30.67
C THR B 39 -8.61 18.88 -29.50
N ILE B 40 -9.30 17.76 -29.63
CA ILE B 40 -10.04 17.21 -28.50
C ILE B 40 -9.39 15.90 -28.09
N VAL B 41 -9.40 15.62 -26.78
CA VAL B 41 -8.82 14.40 -26.26
C VAL B 41 -9.90 13.64 -25.51
N MET B 42 -9.96 12.33 -25.72
CA MET B 42 -11.01 11.53 -25.08
C MET B 42 -10.49 10.14 -24.77
N GLY B 43 -11.05 9.51 -23.75
CA GLY B 43 -10.69 8.12 -23.48
C GLY B 43 -11.35 7.24 -24.51
N ARG B 44 -10.83 6.02 -24.65
CA ARG B 44 -11.33 5.10 -25.66
C ARG B 44 -12.84 4.77 -25.51
N ARG B 45 -13.32 4.67 -24.28
CA ARG B 45 -14.74 4.40 -24.07
C ARG B 45 -15.65 5.53 -24.59
N THR B 46 -15.21 6.77 -24.40
CA THR B 46 -15.93 7.93 -24.92
C THR B 46 -15.89 7.94 -26.46
N TRP B 47 -14.77 7.53 -27.04
CA TRP B 47 -14.72 7.40 -28.51
C TRP B 47 -15.77 6.40 -29.01
N ASP B 48 -15.86 5.24 -28.36
CA ASP B 48 -16.82 4.21 -28.76
C ASP B 48 -18.25 4.74 -28.71
N SER B 49 -18.51 5.65 -27.77
CA SER B 49 -19.85 6.15 -27.52
C SER B 49 -20.32 7.15 -28.56
N LEU B 50 -19.39 7.69 -29.34
CA LEU B 50 -19.75 8.65 -30.36
C LEU B 50 -20.56 7.94 -31.42
N PRO B 51 -21.73 8.51 -31.76
CA PRO B 51 -22.53 8.01 -32.89
C PRO B 51 -21.66 7.94 -34.15
N ALA B 52 -21.83 6.89 -34.95
CA ALA B 52 -20.99 6.65 -36.13
C ALA B 52 -20.99 7.83 -37.11
N LYS B 53 -22.12 8.52 -37.23
CA LYS B 53 -22.26 9.65 -38.14
C LYS B 53 -21.30 10.80 -37.80
N VAL B 54 -20.90 10.86 -36.54
CA VAL B 54 -20.01 11.92 -36.08
C VAL B 54 -18.84 11.35 -35.31
N ARG B 55 -18.33 10.22 -35.79
CA ARG B 55 -17.11 9.61 -35.28
C ARG B 55 -16.15 9.44 -36.46
N PRO B 56 -15.10 10.28 -36.56
CA PRO B 56 -14.65 11.32 -35.62
C PRO B 56 -15.54 12.56 -35.64
N LEU B 57 -15.49 13.34 -34.57
CA LEU B 57 -16.19 14.63 -34.53
C LEU B 57 -15.56 15.57 -35.55
N PRO B 58 -16.36 16.07 -36.51
CA PRO B 58 -15.78 16.87 -37.59
C PRO B 58 -15.29 18.25 -37.13
N GLY B 59 -14.26 18.75 -37.80
CA GLY B 59 -13.73 20.07 -37.54
C GLY B 59 -12.88 20.14 -36.28
N ARG B 60 -12.58 18.96 -35.72
CA ARG B 60 -11.76 18.86 -34.53
C ARG B 60 -10.74 17.75 -34.73
N ARG B 61 -9.54 17.91 -34.18
CA ARG B 61 -8.55 16.83 -34.26
C ARG B 61 -8.86 15.87 -33.12
N ASN B 62 -9.34 14.67 -33.46
CA ASN B 62 -9.77 13.71 -32.44
C ASN B 62 -8.59 12.90 -31.92
N VAL B 63 -8.29 13.01 -30.63
CA VAL B 63 -7.19 12.25 -30.03
C VAL B 63 -7.77 11.27 -29.04
N VAL B 64 -7.40 10.00 -29.15
CA VAL B 64 -8.04 8.98 -28.32
C VAL B 64 -7.00 8.23 -27.51
N LEU B 65 -7.19 8.21 -26.19
CA LEU B 65 -6.28 7.49 -25.30
C LEU B 65 -6.69 6.03 -25.17
N SER B 66 -5.74 5.14 -25.41
CA SER B 66 -5.97 3.72 -25.19
C SER B 66 -4.67 3.08 -24.74
N ARG B 67 -4.77 2.09 -23.87
CA ARG B 67 -3.60 1.32 -23.49
C ARG B 67 -3.36 0.16 -24.46
N GLN B 68 -4.29 -0.04 -25.39
CA GLN B 68 -4.16 -1.05 -26.42
C GLN B 68 -3.27 -0.53 -27.54
N ALA B 69 -2.10 -1.14 -27.68
CA ALA B 69 -1.05 -0.61 -28.56
C ALA B 69 -1.48 -0.59 -30.02
N ASP B 70 -2.37 -1.51 -30.39
CA ASP B 70 -2.79 -1.65 -31.77
C ASP B 70 -4.25 -1.23 -31.97
N PHE B 71 -4.79 -0.50 -31.02
CA PHE B 71 -6.13 0.04 -31.21
C PHE B 71 -6.05 1.10 -32.29
N MET B 72 -6.91 0.96 -33.28
CA MET B 72 -6.96 1.90 -34.39
C MET B 72 -8.41 2.29 -34.60
N ALA B 73 -8.62 3.51 -35.04
CA ALA B 73 -9.96 3.99 -35.30
C ALA B 73 -9.91 5.07 -36.36
N SER B 74 -10.68 4.89 -37.42
CA SER B 74 -10.69 5.82 -38.54
C SER B 74 -11.00 7.24 -38.07
N GLY B 75 -10.10 8.17 -38.41
CA GLY B 75 -10.25 9.58 -38.06
C GLY B 75 -9.68 9.96 -36.71
N ALA B 76 -9.23 8.98 -35.94
CA ALA B 76 -8.71 9.27 -34.61
C ALA B 76 -7.20 9.08 -34.52
N GLU B 77 -6.55 9.97 -33.78
CA GLU B 77 -5.17 9.72 -33.39
C GLU B 77 -5.17 8.92 -32.09
N VAL B 78 -4.80 7.65 -32.17
CA VAL B 78 -4.74 6.83 -30.97
C VAL B 78 -3.37 6.98 -30.34
N VAL B 79 -3.35 7.29 -29.04
CA VAL B 79 -2.09 7.50 -28.34
C VAL B 79 -2.13 6.70 -27.05
N GLY B 80 -0.96 6.33 -26.54
CA GLY B 80 -0.92 5.44 -25.39
C GLY B 80 -0.66 6.12 -24.06
N SER B 81 -0.45 7.44 -24.09
CA SER B 81 -0.13 8.19 -22.88
C SER B 81 -0.73 9.60 -22.92
N LEU B 82 -0.93 10.21 -21.76
CA LEU B 82 -1.47 11.57 -21.70
C LEU B 82 -0.46 12.55 -22.29
N GLU B 83 0.81 12.27 -22.01
CA GLU B 83 1.92 13.04 -22.56
C GLU B 83 1.74 13.25 -24.06
N GLU B 84 1.46 12.16 -24.77
CA GLU B 84 1.31 12.21 -26.23
C GLU B 84 0.08 12.98 -26.63
N ALA B 85 -0.90 13.00 -25.74
CA ALA B 85 -2.21 13.59 -26.04
C ALA B 85 -2.29 15.11 -25.90
N LEU B 86 -1.38 15.73 -25.14
CA LEU B 86 -1.58 17.12 -24.74
C LEU B 86 -0.68 18.15 -25.40
N THR B 87 -0.14 17.82 -26.56
CA THR B 87 0.84 18.67 -27.21
C THR B 87 0.28 19.97 -27.80
N SER B 88 -0.97 19.95 -28.26
CA SER B 88 -1.56 21.16 -28.84
C SER B 88 -1.70 22.26 -27.78
N PRO B 89 -1.26 23.48 -28.10
CA PRO B 89 -1.36 24.67 -27.25
C PRO B 89 -2.76 24.90 -26.68
N GLU B 90 -3.80 24.56 -27.44
CA GLU B 90 -5.16 24.56 -26.93
C GLU B 90 -5.76 23.17 -27.12
N THR B 91 -6.04 22.51 -26.01
CA THR B 91 -6.56 21.15 -26.05
C THR B 91 -7.75 21.08 -25.15
N TRP B 92 -8.83 20.47 -25.64
CA TRP B 92 -10.02 20.26 -24.83
C TRP B 92 -10.22 18.79 -24.56
N VAL B 93 -10.20 18.43 -23.27
CA VAL B 93 -10.52 17.08 -22.84
C VAL B 93 -12.02 16.93 -22.71
N ILE B 94 -12.58 15.99 -23.46
CA ILE B 94 -14.04 15.88 -23.59
C ILE B 94 -14.57 14.60 -22.93
N GLY B 95 -13.72 13.92 -22.17
CA GLY B 95 -14.21 12.82 -21.34
C GLY B 95 -13.43 11.52 -21.56
N GLY B 96 -13.75 10.48 -20.80
CA GLY B 96 -14.81 10.51 -19.81
C GLY B 96 -14.27 10.59 -18.40
N GLY B 97 -14.93 9.89 -17.48
CA GLY B 97 -14.52 9.93 -16.08
C GLY B 97 -13.05 9.70 -15.81
N GLN B 98 -12.49 8.63 -16.38
CA GLN B 98 -11.10 8.30 -16.13
C GLN B 98 -10.16 9.37 -16.66
N VAL B 99 -10.46 9.86 -17.87
CA VAL B 99 -9.55 10.80 -18.49
C VAL B 99 -9.65 12.20 -17.87
N TYR B 100 -10.81 12.62 -17.38
CA TYR B 100 -10.84 13.89 -16.64
C TYR B 100 -9.92 13.80 -15.42
N ALA B 101 -9.98 12.69 -14.70
CA ALA B 101 -9.14 12.50 -13.51
C ALA B 101 -7.67 12.55 -13.86
N LEU B 102 -7.31 11.89 -14.97
CA LEU B 102 -5.95 11.86 -15.47
C LEU B 102 -5.43 13.25 -15.82
N ALA B 103 -6.26 14.02 -16.53
CA ALA B 103 -5.87 15.32 -17.09
C ALA B 103 -6.04 16.50 -16.12
N LEU B 104 -6.81 16.30 -15.05
CA LEU B 104 -7.18 17.40 -14.15
C LEU B 104 -5.98 18.25 -13.70
N PRO B 105 -4.87 17.62 -13.30
CA PRO B 105 -3.72 18.43 -12.86
C PRO B 105 -3.12 19.30 -13.95
N TYR B 106 -3.34 18.92 -15.20
CA TYR B 106 -2.80 19.66 -16.33
C TYR B 106 -3.73 20.80 -16.79
N ALA B 107 -4.94 20.84 -16.21
CA ALA B 107 -5.99 21.73 -16.71
C ALA B 107 -6.02 23.08 -16.00
N THR B 108 -6.28 24.13 -16.76
CA THR B 108 -6.41 25.49 -16.22
C THR B 108 -7.74 26.12 -16.59
N ARG B 109 -8.56 25.41 -17.35
CA ARG B 109 -9.93 25.84 -17.61
C ARG B 109 -10.87 24.65 -17.51
N CYS B 110 -12.05 24.87 -16.92
CA CYS B 110 -13.14 23.90 -17.03
C CYS B 110 -14.38 24.63 -17.55
N GLU B 111 -15.04 24.02 -18.53
CA GLU B 111 -16.32 24.53 -18.99
C GLU B 111 -17.37 23.48 -18.62
N VAL B 112 -18.21 23.81 -17.64
CA VAL B 112 -19.17 22.84 -17.12
C VAL B 112 -20.60 23.24 -17.42
N THR B 113 -21.39 22.27 -17.85
CA THR B 113 -22.84 22.43 -17.95
C THR B 113 -23.48 21.66 -16.81
N GLU B 114 -24.21 22.36 -15.94
CA GLU B 114 -24.97 21.70 -14.88
C GLU B 114 -26.38 21.45 -15.35
N VAL B 115 -26.82 20.20 -15.24
CA VAL B 115 -28.16 19.80 -15.62
C VAL B 115 -28.98 19.56 -14.36
N ASP B 116 -30.08 20.28 -14.18
CA ASP B 116 -30.87 20.20 -12.95
C ASP B 116 -31.83 19.02 -13.04
N ILE B 117 -31.27 17.83 -12.92
CA ILE B 117 -32.01 16.59 -13.00
C ILE B 117 -31.71 15.79 -11.75
N GLY B 118 -32.75 15.15 -11.21
CA GLY B 118 -32.60 14.32 -10.05
C GLY B 118 -31.99 13.00 -10.50
N LEU B 119 -30.77 12.74 -10.04
CA LEU B 119 -30.03 11.59 -10.51
C LEU B 119 -28.95 11.20 -9.49
N PRO B 120 -29.36 10.65 -8.34
CA PRO B 120 -28.35 10.30 -7.33
C PRO B 120 -27.31 9.32 -7.89
N ARG B 121 -26.09 9.44 -7.37
CA ARG B 121 -25.01 8.60 -7.83
C ARG B 121 -25.28 7.13 -7.51
N GLU B 122 -24.89 6.27 -8.44
CA GLU B 122 -24.91 4.82 -8.25
C GLU B 122 -23.48 4.30 -8.45
N ALA B 123 -23.12 3.24 -7.74
CA ALA B 123 -21.78 2.66 -7.87
C ALA B 123 -21.44 2.35 -9.33
N GLY B 124 -20.24 2.74 -9.75
CA GLY B 124 -19.79 2.50 -11.10
C GLY B 124 -20.10 3.62 -12.09
N ASP B 125 -20.85 4.63 -11.65
CA ASP B 125 -21.10 5.82 -12.47
C ASP B 125 -19.81 6.51 -12.88
N ALA B 126 -19.80 7.11 -14.06
CA ALA B 126 -18.75 8.04 -14.39
C ALA B 126 -19.10 9.38 -13.74
N LEU B 127 -18.13 9.98 -13.07
CA LEU B 127 -18.37 11.21 -12.31
C LEU B 127 -17.53 12.35 -12.82
N ALA B 128 -18.01 13.58 -12.60
CA ALA B 128 -17.24 14.79 -12.86
C ALA B 128 -16.13 14.88 -11.83
N PRO B 129 -14.97 15.42 -12.25
CA PRO B 129 -13.91 15.65 -11.25
C PRO B 129 -14.31 16.76 -10.29
N VAL B 130 -13.76 16.73 -9.09
CA VAL B 130 -14.08 17.76 -8.11
C VAL B 130 -13.13 18.93 -8.28
N LEU B 131 -13.71 20.11 -8.40
CA LEU B 131 -12.92 21.34 -8.52
C LEU B 131 -12.74 21.96 -7.14
N ASP B 132 -11.49 22.00 -6.69
CA ASP B 132 -11.19 22.48 -5.35
C ASP B 132 -10.99 23.98 -5.34
N GLU B 133 -10.40 24.48 -4.26
CA GLU B 133 -10.31 25.93 -4.05
C GLU B 133 -9.21 26.59 -4.89
N THR B 134 -8.47 25.81 -5.68
CA THR B 134 -7.52 26.45 -6.60
C THR B 134 -8.25 27.10 -7.76
N TRP B 135 -9.53 26.76 -7.93
CA TRP B 135 -10.33 27.24 -9.05
C TRP B 135 -11.17 28.45 -8.68
N ARG B 136 -11.32 29.38 -9.62
CA ARG B 136 -12.33 30.42 -9.55
C ARG B 136 -13.37 30.18 -10.65
N GLY B 137 -14.64 30.42 -10.37
CA GLY B 137 -15.65 30.17 -11.37
C GLY B 137 -16.73 31.24 -11.49
N GLU B 138 -17.20 31.46 -12.71
CA GLU B 138 -18.36 32.32 -12.92
C GLU B 138 -19.55 31.44 -13.20
N THR B 139 -20.66 31.72 -12.53
CA THR B 139 -21.87 30.95 -12.69
C THR B 139 -22.85 31.68 -13.59
N GLY B 140 -23.28 31.01 -14.67
CA GLY B 140 -24.23 31.60 -15.59
C GLY B 140 -25.64 31.54 -15.02
N GLU B 141 -26.56 32.28 -15.65
CA GLU B 141 -27.97 32.25 -15.25
C GLU B 141 -28.62 30.97 -15.74
N TRP B 142 -29.52 30.42 -14.93
CA TRP B 142 -30.29 29.26 -15.34
C TRP B 142 -30.95 29.52 -16.68
N ARG B 143 -30.85 28.53 -17.55
CA ARG B 143 -31.51 28.57 -18.85
C ARG B 143 -32.51 27.42 -18.87
N PHE B 144 -33.41 27.44 -19.84
CA PHE B 144 -34.49 26.49 -19.88
C PHE B 144 -34.51 25.76 -21.22
N SER B 145 -34.44 24.43 -21.14
CA SER B 145 -34.30 23.57 -22.32
C SER B 145 -35.66 23.16 -22.88
N ARG B 146 -35.70 22.85 -24.17
CA ARG B 146 -36.93 22.35 -24.79
C ARG B 146 -37.30 20.98 -24.21
N SER B 147 -36.33 20.31 -23.58
CA SER B 147 -36.64 19.06 -22.88
C SER B 147 -37.32 19.35 -21.53
N GLY B 148 -37.38 20.62 -21.15
CA GLY B 148 -37.97 21.02 -19.88
C GLY B 148 -36.99 21.09 -18.72
N LEU B 149 -35.74 20.70 -18.95
CA LEU B 149 -34.73 20.75 -17.91
C LEU B 149 -34.08 22.12 -17.79
N ARG B 150 -33.87 22.57 -16.55
CA ARG B 150 -33.09 23.76 -16.31
C ARG B 150 -31.64 23.32 -16.40
N TYR B 151 -30.82 24.17 -17.02
CA TYR B 151 -29.38 23.92 -17.06
C TYR B 151 -28.66 25.26 -16.97
N ARG B 152 -27.40 25.24 -16.54
CA ARG B 152 -26.63 26.46 -16.50
C ARG B 152 -25.17 26.15 -16.79
N LEU B 153 -24.46 27.19 -17.24
CA LEU B 153 -23.05 27.08 -17.56
C LEU B 153 -22.13 27.69 -16.52
N TYR B 154 -21.10 26.93 -16.15
CA TYR B 154 -20.01 27.42 -15.32
C TYR B 154 -18.76 27.57 -16.14
N SER B 155 -18.01 28.63 -15.90
CA SER B 155 -16.68 28.73 -16.49
C SER B 155 -15.68 28.83 -15.35
N TYR B 156 -14.79 27.84 -15.25
CA TYR B 156 -13.80 27.85 -14.17
C TYR B 156 -12.42 28.11 -14.75
N HIS B 157 -11.58 28.78 -13.98
CA HIS B 157 -10.21 28.99 -14.39
C HIS B 157 -9.27 29.01 -13.20
N ARG B 158 -8.02 28.64 -13.47
CA ARG B 158 -6.95 28.86 -12.51
C ARG B 158 -5.70 29.18 -13.32
N SER B 159 -4.87 30.07 -12.79
CA SER B 159 -3.77 30.64 -13.58
C SER B 159 -2.45 29.98 -13.23
N MET C 1 -4.95 -7.21 20.01
CA MET C 1 -5.70 -6.51 18.97
C MET C 1 -6.05 -7.44 17.81
N VAL C 2 -7.36 -7.66 17.60
CA VAL C 2 -7.81 -8.36 16.40
C VAL C 2 -8.37 -7.33 15.42
N GLY C 3 -7.84 -7.35 14.21
CA GLY C 3 -8.30 -6.46 13.16
C GLY C 3 -8.84 -7.24 11.99
N LEU C 4 -9.81 -6.66 11.30
CA LEU C 4 -10.32 -7.24 10.06
C LEU C 4 -9.84 -6.41 8.89
N ILE C 5 -9.39 -7.04 7.82
CA ILE C 5 -9.04 -6.26 6.63
C ILE C 5 -9.70 -6.90 5.41
N TRP C 6 -10.39 -6.09 4.63
CA TRP C 6 -11.02 -6.56 3.40
C TRP C 6 -11.16 -5.45 2.36
N ALA C 7 -11.45 -5.87 1.13
CA ALA C 7 -11.80 -4.97 0.03
C ALA C 7 -13.20 -5.34 -0.42
N GLN C 8 -14.06 -4.34 -0.59
CA GLN C 8 -15.42 -4.62 -1.01
C GLN C 8 -15.87 -3.69 -2.11
N ALA C 9 -16.76 -4.17 -2.97
CA ALA C 9 -17.55 -3.29 -3.82
C ALA C 9 -18.44 -2.43 -2.93
N THR C 10 -18.86 -1.28 -3.43
CA THR C 10 -19.76 -0.44 -2.65
C THR C 10 -20.96 -1.25 -2.10
N SER C 11 -21.42 -2.21 -2.90
CA SER C 11 -22.56 -3.06 -2.57
C SER C 11 -22.34 -3.97 -1.37
N GLY C 12 -21.08 -4.17 -1.00
CA GLY C 12 -20.78 -5.06 0.10
C GLY C 12 -20.20 -6.40 -0.34
N VAL C 13 -20.28 -6.68 -1.63
CA VAL C 13 -19.73 -7.93 -2.18
C VAL C 13 -18.22 -7.99 -2.00
N ILE C 14 -17.72 -9.08 -1.45
CA ILE C 14 -16.28 -9.28 -1.34
C ILE C 14 -15.81 -10.51 -2.08
N GLY C 15 -16.74 -11.38 -2.46
CA GLY C 15 -16.38 -12.62 -3.10
C GLY C 15 -17.51 -13.17 -3.93
N ARG C 16 -17.15 -13.80 -5.05
CA ARG C 16 -18.13 -14.47 -5.90
C ARG C 16 -17.46 -15.58 -6.69
N GLY C 17 -18.05 -16.78 -6.62
CA GLY C 17 -17.52 -17.92 -7.36
C GLY C 17 -16.13 -18.33 -6.90
N GLY C 18 -15.81 -18.02 -5.65
CA GLY C 18 -14.52 -18.38 -5.08
C GLY C 18 -13.42 -17.36 -5.34
N ASP C 19 -13.73 -16.29 -6.06
CA ASP C 19 -12.71 -15.31 -6.39
C ASP C 19 -13.15 -13.90 -6.00
N ILE C 20 -12.22 -12.96 -6.03
CA ILE C 20 -12.54 -11.55 -5.79
C ILE C 20 -12.90 -10.94 -7.14
N PRO C 21 -14.13 -10.40 -7.26
CA PRO C 21 -14.69 -10.04 -8.57
C PRO C 21 -14.24 -8.68 -9.12
N TRP C 22 -12.99 -8.33 -8.90
CA TRP C 22 -12.35 -7.18 -9.55
C TRP C 22 -10.84 -7.34 -9.49
N ARG C 23 -10.13 -6.43 -10.14
CA ARG C 23 -8.68 -6.40 -10.07
C ARG C 23 -8.25 -5.02 -9.57
N LEU C 24 -7.36 -5.01 -8.57
CA LEU C 24 -6.96 -3.75 -7.95
C LEU C 24 -5.59 -3.90 -7.30
N PRO C 25 -4.52 -3.89 -8.11
CA PRO C 25 -3.13 -4.06 -7.65
C PRO C 25 -2.76 -3.13 -6.51
N GLU C 26 -3.24 -1.89 -6.55
CA GLU C 26 -2.98 -0.93 -5.49
C GLU C 26 -3.49 -1.44 -4.13
N ASP C 27 -4.57 -2.22 -4.18
CA ASP C 27 -5.13 -2.73 -2.92
C ASP C 27 -4.21 -3.79 -2.33
N GLN C 28 -3.59 -4.59 -3.18
CA GLN C 28 -2.67 -5.62 -2.70
C GLN C 28 -1.52 -5.01 -1.90
N ALA C 29 -1.01 -3.89 -2.38
CA ALA C 29 0.10 -3.22 -1.72
C ALA C 29 -0.33 -2.70 -0.35
N HIS C 30 -1.56 -2.21 -0.29
CA HIS C 30 -2.12 -1.71 0.96
C HIS C 30 -2.28 -2.86 1.94
N PHE C 31 -2.81 -3.97 1.44
CA PHE C 31 -3.01 -5.18 2.22
C PHE C 31 -1.67 -5.68 2.76
N ARG C 32 -0.64 -5.67 1.91
CA ARG C 32 0.66 -6.18 2.31
C ARG C 32 1.24 -5.29 3.40
N GLU C 33 1.05 -3.98 3.28
CA GLU C 33 1.61 -3.04 4.24
C GLU C 33 1.05 -3.26 5.65
N ILE C 34 -0.26 -3.52 5.71
CA ILE C 34 -0.95 -3.72 6.97
C ILE C 34 -0.56 -5.06 7.60
N THR C 35 -0.49 -6.10 6.78
CA THR C 35 -0.36 -7.44 7.32
C THR C 35 1.08 -7.94 7.48
N MET C 36 2.05 -7.32 6.79
CA MET C 36 3.42 -7.81 6.83
C MET C 36 3.97 -7.94 8.25
N GLY C 37 4.57 -9.09 8.54
CA GLY C 37 5.22 -9.34 9.81
C GLY C 37 4.28 -9.82 10.90
N HIS C 38 3.01 -10.00 10.55
CA HIS C 38 2.01 -10.34 11.56
C HIS C 38 1.38 -11.69 11.30
N THR C 39 0.65 -12.18 12.29
CA THR C 39 -0.20 -13.35 12.09
C THR C 39 -1.41 -12.94 11.28
N ILE C 40 -1.73 -13.72 10.25
CA ILE C 40 -2.98 -13.54 9.53
C ILE C 40 -3.85 -14.78 9.71
N VAL C 41 -5.16 -14.54 9.78
CA VAL C 41 -6.10 -15.62 10.02
C VAL C 41 -7.11 -15.64 8.88
N MET C 42 -7.40 -16.83 8.35
CA MET C 42 -8.27 -16.94 7.19
C MET C 42 -9.07 -18.24 7.24
N GLY C 43 -10.25 -18.24 6.65
CA GLY C 43 -10.98 -19.48 6.50
C GLY C 43 -10.32 -20.36 5.46
N ARG C 44 -10.60 -21.65 5.51
CA ARG C 44 -9.99 -22.60 4.59
C ARG C 44 -10.30 -22.28 3.10
N ARG C 45 -11.48 -21.74 2.80
CA ARG C 45 -11.79 -21.39 1.42
C ARG C 45 -10.91 -20.26 0.91
N THR C 46 -10.62 -19.29 1.78
CA THR C 46 -9.72 -18.20 1.43
C THR C 46 -8.30 -18.73 1.23
N TRP C 47 -7.86 -19.65 2.09
CA TRP C 47 -6.58 -20.33 1.88
C TRP C 47 -6.50 -20.99 0.49
N ASP C 48 -7.53 -21.76 0.13
CA ASP C 48 -7.57 -22.42 -1.17
C ASP C 48 -7.42 -21.42 -2.31
N SER C 49 -7.94 -20.20 -2.12
CA SER C 49 -7.97 -19.21 -3.19
C SER C 49 -6.64 -18.51 -3.43
N LEU C 50 -5.72 -18.62 -2.48
CA LEU C 50 -4.41 -18.00 -2.66
C LEU C 50 -3.68 -18.66 -3.82
N PRO C 51 -3.11 -17.86 -4.72
CA PRO C 51 -2.26 -18.43 -5.77
C PRO C 51 -1.13 -19.24 -5.14
N ALA C 52 -0.80 -20.38 -5.74
CA ALA C 52 0.20 -21.29 -5.15
C ALA C 52 1.54 -20.62 -4.95
N LYS C 53 1.86 -19.63 -5.79
CA LYS C 53 3.12 -18.90 -5.71
C LYS C 53 3.27 -18.15 -4.40
N VAL C 54 2.13 -17.78 -3.81
CA VAL C 54 2.11 -17.05 -2.54
C VAL C 54 1.22 -17.74 -1.52
N ARG C 55 1.28 -19.07 -1.50
CA ARG C 55 0.58 -19.87 -0.51
C ARG C 55 1.61 -20.77 0.19
N PRO C 56 1.97 -20.45 1.44
CA PRO C 56 1.47 -19.38 2.31
C PRO C 56 1.94 -17.98 1.90
N LEU C 57 1.23 -16.97 2.38
CA LEU C 57 1.66 -15.59 2.15
C LEU C 57 2.95 -15.34 2.91
N PRO C 58 4.02 -14.92 2.19
CA PRO C 58 5.32 -14.83 2.85
C PRO C 58 5.38 -13.67 3.85
N GLY C 59 6.21 -13.82 4.89
CA GLY C 59 6.44 -12.75 5.84
C GLY C 59 5.33 -12.62 6.86
N ARG C 60 4.40 -13.57 6.82
CA ARG C 60 3.24 -13.57 7.71
C ARG C 60 3.00 -14.97 8.21
N ARG C 61 2.53 -15.08 9.46
CA ARG C 61 2.17 -16.38 9.99
C ARG C 61 0.76 -16.71 9.54
N ASN C 62 0.64 -17.68 8.64
CA ASN C 62 -0.67 -18.02 8.02
C ASN C 62 -1.41 -18.99 8.92
N VAL C 63 -2.55 -18.56 9.45
CA VAL C 63 -3.37 -19.43 10.32
C VAL C 63 -4.66 -19.72 9.56
N VAL C 64 -5.02 -21.00 9.42
CA VAL C 64 -6.17 -21.35 8.57
C VAL C 64 -7.20 -22.11 9.40
N LEU C 65 -8.42 -21.59 9.44
CA LEU C 65 -9.50 -22.25 10.18
C LEU C 65 -10.17 -23.30 9.31
N SER C 66 -10.30 -24.51 9.85
CA SER C 66 -11.02 -25.58 9.18
C SER C 66 -11.64 -26.46 10.24
N ARG C 67 -12.82 -26.98 9.94
CA ARG C 67 -13.47 -27.93 10.84
C ARG C 67 -12.97 -29.34 10.58
N GLN C 68 -12.10 -29.47 9.58
CA GLN C 68 -11.50 -30.74 9.23
C GLN C 68 -10.28 -31.00 10.11
N ALA C 69 -10.39 -31.99 10.99
CA ALA C 69 -9.37 -32.21 12.01
C ALA C 69 -8.04 -32.60 11.39
N ASP C 70 -8.09 -33.19 10.20
CA ASP C 70 -6.88 -33.66 9.53
C ASP C 70 -6.58 -32.87 8.25
N PHE C 71 -7.18 -31.68 8.12
CA PHE C 71 -6.77 -30.80 7.03
C PHE C 71 -5.38 -30.26 7.32
N MET C 72 -4.52 -30.34 6.32
CA MET C 72 -3.16 -29.84 6.45
C MET C 72 -2.80 -29.08 5.18
N ALA C 73 -1.91 -28.12 5.31
CA ALA C 73 -1.52 -27.29 4.19
C ALA C 73 -0.14 -26.75 4.49
N SER C 74 0.80 -26.98 3.57
CA SER C 74 2.17 -26.54 3.73
C SER C 74 2.25 -25.05 4.01
N GLY C 75 2.87 -24.69 5.13
CA GLY C 75 3.10 -23.30 5.50
C GLY C 75 1.99 -22.70 6.32
N ALA C 76 0.94 -23.48 6.55
CA ALA C 76 -0.21 -22.97 7.28
C ALA C 76 -0.39 -23.67 8.61
N GLU C 77 -0.74 -22.89 9.63
CA GLU C 77 -1.14 -23.48 10.89
C GLU C 77 -2.64 -23.70 10.85
N VAL C 78 -3.05 -24.96 10.67
CA VAL C 78 -4.47 -25.29 10.62
C VAL C 78 -5.00 -25.47 12.04
N VAL C 79 -6.09 -24.77 12.34
CA VAL C 79 -6.67 -24.81 13.67
C VAL C 79 -8.16 -25.07 13.54
N GLY C 80 -8.76 -25.66 14.56
CA GLY C 80 -10.16 -26.04 14.47
C GLY C 80 -11.12 -25.08 15.15
N SER C 81 -10.60 -24.02 15.74
CA SER C 81 -11.41 -23.08 16.50
C SER C 81 -10.90 -21.64 16.43
N LEU C 82 -11.78 -20.65 16.54
CA LEU C 82 -11.34 -19.26 16.51
C LEU C 82 -10.44 -18.97 17.71
N GLU C 83 -10.74 -19.63 18.82
CA GLU C 83 -9.95 -19.58 20.04
C GLU C 83 -8.48 -19.75 19.74
N GLU C 84 -8.17 -20.85 19.07
CA GLU C 84 -6.78 -21.20 18.78
C GLU C 84 -6.21 -20.24 17.77
N ALA C 85 -7.09 -19.63 16.98
CA ALA C 85 -6.63 -18.72 15.92
C ALA C 85 -6.20 -17.32 16.39
N LEU C 86 -6.65 -16.86 17.54
CA LEU C 86 -6.51 -15.43 17.87
C LEU C 86 -5.54 -15.08 18.97
N THR C 87 -4.57 -15.96 19.23
CA THR C 87 -3.71 -15.79 20.39
C THR C 87 -2.63 -14.70 20.21
N SER C 88 -2.29 -14.36 18.97
CA SER C 88 -1.30 -13.31 18.72
C SER C 88 -1.85 -11.92 19.07
N PRO C 89 -1.09 -11.16 19.88
CA PRO C 89 -1.41 -9.78 20.29
C PRO C 89 -1.84 -8.89 19.12
N GLU C 90 -1.25 -9.08 17.94
CA GLU C 90 -1.74 -8.40 16.74
C GLU C 90 -2.08 -9.45 15.70
N THR C 91 -3.37 -9.56 15.38
CA THR C 91 -3.83 -10.57 14.43
C THR C 91 -4.68 -9.87 13.40
N TRP C 92 -4.45 -10.18 12.12
CA TRP C 92 -5.29 -9.65 11.07
C TRP C 92 -6.09 -10.75 10.42
N VAL C 93 -7.41 -10.63 10.46
CA VAL C 93 -8.30 -11.57 9.79
C VAL C 93 -8.46 -11.13 8.35
N ILE C 94 -8.11 -11.98 7.42
CA ILE C 94 -8.05 -11.59 6.02
C ILE C 94 -9.13 -12.24 5.17
N GLY C 95 -10.12 -12.86 5.83
CA GLY C 95 -11.28 -13.39 5.13
C GLY C 95 -11.55 -14.87 5.38
N GLY C 96 -12.64 -15.41 4.82
CA GLY C 96 -13.55 -14.69 3.96
C GLY C 96 -14.84 -14.33 4.69
N GLY C 97 -15.96 -14.39 3.97
CA GLY C 97 -17.24 -13.97 4.52
C GLY C 97 -17.59 -14.63 5.85
N GLN C 98 -17.42 -15.95 5.92
CA GLN C 98 -17.78 -16.67 7.15
C GLN C 98 -16.91 -16.27 8.32
N VAL C 99 -15.61 -16.15 8.07
CA VAL C 99 -14.67 -15.89 9.16
C VAL C 99 -14.72 -14.44 9.63
N TYR C 100 -15.00 -13.48 8.74
CA TYR C 100 -15.25 -12.11 9.22
C TYR C 100 -16.43 -12.09 10.20
N ALA C 101 -17.52 -12.78 9.85
CA ALA C 101 -18.68 -12.83 10.73
C ALA C 101 -18.33 -13.49 12.07
N LEU C 102 -17.54 -14.55 12.01
CA LEU C 102 -17.10 -15.26 13.21
C LEU C 102 -16.27 -14.37 14.13
N ALA C 103 -15.34 -13.60 13.55
CA ALA C 103 -14.32 -12.85 14.28
C ALA C 103 -14.73 -11.41 14.66
N LEU C 104 -15.80 -10.92 14.03
CA LEU C 104 -16.24 -9.53 14.19
C LEU C 104 -16.36 -9.09 15.66
N PRO C 105 -16.96 -9.92 16.53
CA PRO C 105 -17.09 -9.48 17.94
C PRO C 105 -15.75 -9.29 18.65
N TYR C 106 -14.73 -9.97 18.16
CA TYR C 106 -13.41 -9.91 18.74
C TYR C 106 -12.58 -8.74 18.19
N ALA C 107 -13.09 -8.08 17.16
CA ALA C 107 -12.30 -7.08 16.43
C ALA C 107 -12.46 -5.67 16.98
N THR C 108 -11.35 -4.92 17.01
CA THR C 108 -11.38 -3.51 17.39
C THR C 108 -10.81 -2.60 16.29
N ARG C 109 -10.40 -3.19 15.17
CA ARG C 109 -10.02 -2.39 14.00
C ARG C 109 -10.53 -3.04 12.73
N CYS C 110 -10.98 -2.24 11.77
CA CYS C 110 -11.18 -2.72 10.41
C CYS C 110 -10.48 -1.80 9.45
N GLU C 111 -9.78 -2.40 8.52
CA GLU C 111 -9.18 -1.66 7.41
C GLU C 111 -9.89 -2.08 6.14
N VAL C 112 -10.65 -1.15 5.58
CA VAL C 112 -11.50 -1.44 4.44
C VAL C 112 -11.08 -0.70 3.20
N THR C 113 -11.03 -1.41 2.08
CA THR C 113 -10.91 -0.77 0.77
C THR C 113 -12.25 -0.82 0.08
N GLU C 114 -12.77 0.35 -0.29
CA GLU C 114 -14.01 0.40 -1.07
C GLU C 114 -13.67 0.56 -2.54
N VAL C 115 -14.26 -0.30 -3.36
CA VAL C 115 -14.05 -0.29 -4.80
C VAL C 115 -15.31 0.21 -5.49
N ASP C 116 -15.19 1.32 -6.22
CA ASP C 116 -16.37 1.92 -6.85
C ASP C 116 -16.68 1.22 -8.16
N ILE C 117 -17.23 0.02 -8.04
CA ILE C 117 -17.61 -0.81 -9.17
C ILE C 117 -19.08 -1.17 -9.02
N GLY C 118 -19.81 -1.19 -10.13
CA GLY C 118 -21.20 -1.58 -10.10
C GLY C 118 -21.23 -3.09 -10.01
N LEU C 119 -21.72 -3.58 -8.89
CA LEU C 119 -21.71 -5.01 -8.63
C LEU C 119 -22.81 -5.37 -7.63
N PRO C 120 -24.08 -5.32 -8.06
CA PRO C 120 -25.16 -5.63 -7.12
C PRO C 120 -25.04 -7.05 -6.53
N ARG C 121 -25.47 -7.20 -5.29
CA ARG C 121 -25.33 -8.50 -4.63
C ARG C 121 -26.13 -9.57 -5.36
N GLU C 122 -25.58 -10.77 -5.36
CA GLU C 122 -26.28 -11.95 -5.86
C GLU C 122 -26.28 -13.01 -4.77
N ALA C 123 -27.31 -13.85 -4.74
CA ALA C 123 -27.40 -14.88 -3.70
C ALA C 123 -26.13 -15.73 -3.64
N GLY C 124 -25.68 -16.01 -2.42
CA GLY C 124 -24.50 -16.85 -2.23
C GLY C 124 -23.19 -16.09 -2.30
N ASP C 125 -23.26 -14.79 -2.59
CA ASP C 125 -22.08 -13.94 -2.59
C ASP C 125 -21.42 -13.96 -1.21
N ALA C 126 -20.10 -13.82 -1.16
CA ALA C 126 -19.46 -13.53 0.12
C ALA C 126 -19.57 -12.03 0.34
N LEU C 127 -19.93 -11.62 1.55
CA LEU C 127 -20.21 -10.21 1.85
C LEU C 127 -19.35 -9.70 2.97
N ALA C 128 -19.06 -8.39 2.95
CA ALA C 128 -18.41 -7.73 4.08
C ALA C 128 -19.35 -7.71 5.28
N PRO C 129 -18.77 -7.81 6.48
CA PRO C 129 -19.62 -7.66 7.67
C PRO C 129 -20.10 -6.21 7.78
N VAL C 130 -21.20 -6.01 8.47
CA VAL C 130 -21.74 -4.68 8.64
C VAL C 130 -21.16 -4.07 9.91
N LEU C 131 -20.66 -2.84 9.79
CA LEU C 131 -20.08 -2.14 10.92
C LEU C 131 -21.10 -1.20 11.50
N ASP C 132 -21.50 -1.48 12.74
CA ASP C 132 -22.55 -0.71 13.38
C ASP C 132 -22.01 0.52 14.09
N GLU C 133 -22.85 1.12 14.92
CA GLU C 133 -22.54 2.41 15.53
C GLU C 133 -21.52 2.29 16.68
N THR C 134 -21.05 1.09 16.99
CA THR C 134 -19.97 0.98 17.98
C THR C 134 -18.65 1.42 17.37
N TRP C 135 -18.63 1.51 16.03
CA TRP C 135 -17.42 1.81 15.27
C TRP C 135 -17.28 3.29 14.91
N ARG C 136 -16.07 3.80 15.03
CA ARG C 136 -15.71 5.13 14.53
C ARG C 136 -14.84 4.96 13.30
N GLY C 137 -15.06 5.78 12.28
CA GLY C 137 -14.30 5.60 11.06
C GLY C 137 -13.81 6.91 10.49
N GLU C 138 -12.65 6.87 9.85
CA GLU C 138 -12.18 8.00 9.05
C GLU C 138 -12.11 7.55 7.60
N THR C 139 -12.64 8.39 6.72
CA THR C 139 -12.76 8.07 5.30
C THR C 139 -11.69 8.79 4.50
N GLY C 140 -10.91 8.04 3.74
CA GLY C 140 -9.84 8.62 2.95
C GLY C 140 -10.36 9.20 1.65
N GLU C 141 -9.52 9.99 0.98
CA GLU C 141 -9.89 10.57 -0.31
C GLU C 141 -9.93 9.52 -1.41
N TRP C 142 -10.86 9.66 -2.33
CA TRP C 142 -10.89 8.78 -3.49
C TRP C 142 -9.56 8.77 -4.22
N ARG C 143 -9.09 7.57 -4.54
CA ARG C 143 -7.88 7.43 -5.33
C ARG C 143 -8.27 6.79 -6.65
N PHE C 144 -7.36 6.85 -7.62
CA PHE C 144 -7.64 6.38 -8.97
C PHE C 144 -6.61 5.33 -9.35
N SER C 145 -7.08 4.13 -9.70
CA SER C 145 -6.15 3.04 -9.95
C SER C 145 -5.62 3.14 -11.36
N ARG C 146 -4.51 2.44 -11.61
CA ARG C 146 -3.89 2.39 -12.91
C ARG C 146 -4.86 1.88 -13.97
N SER C 147 -5.67 0.90 -13.60
CA SER C 147 -6.69 0.36 -14.49
C SER C 147 -7.75 1.41 -14.81
N GLY C 148 -8.60 1.76 -13.84
CA GLY C 148 -9.58 2.79 -14.06
C GLY C 148 -10.66 2.95 -13.01
N LEU C 149 -10.71 2.01 -12.06
CA LEU C 149 -11.67 2.09 -10.97
C LEU C 149 -11.20 3.06 -9.89
N ARG C 150 -12.13 3.82 -9.32
CA ARG C 150 -11.78 4.60 -8.16
C ARG C 150 -11.96 3.71 -6.94
N TYR C 151 -11.14 3.96 -5.93
CA TYR C 151 -11.19 3.21 -4.69
C TYR C 151 -10.80 4.13 -3.55
N ARG C 152 -11.18 3.80 -2.33
CA ARG C 152 -10.75 4.59 -1.19
C ARG C 152 -10.58 3.70 0.03
N LEU C 153 -9.83 4.20 1.00
CA LEU C 153 -9.59 3.46 2.24
C LEU C 153 -10.30 4.02 3.44
N TYR C 154 -10.86 3.10 4.24
CA TYR C 154 -11.46 3.42 5.52
C TYR C 154 -10.65 2.81 6.62
N SER C 155 -10.49 3.53 7.71
CA SER C 155 -9.93 2.95 8.92
C SER C 155 -10.99 3.05 10.00
N TYR C 156 -11.40 1.90 10.52
CA TYR C 156 -12.40 1.87 11.58
C TYR C 156 -11.77 1.39 12.87
N HIS C 157 -12.29 1.90 13.98
CA HIS C 157 -11.80 1.49 15.29
C HIS C 157 -12.91 1.58 16.30
N ARG C 158 -12.83 0.71 17.29
CA ARG C 158 -13.63 0.86 18.50
C ARG C 158 -12.74 0.45 19.65
N SER C 159 -12.92 1.09 20.80
CA SER C 159 -12.01 0.90 21.93
C SER C 159 -12.56 -0.10 22.91
N MET D 1 2.51 -24.43 23.46
CA MET D 1 3.77 -23.92 22.96
C MET D 1 4.49 -25.02 22.20
N VAL D 2 4.63 -24.84 20.90
CA VAL D 2 5.48 -25.71 20.11
C VAL D 2 6.76 -24.96 19.80
N GLY D 3 7.90 -25.57 20.15
CA GLY D 3 9.18 -24.98 19.85
C GLY D 3 9.98 -25.88 18.92
N LEU D 4 10.83 -25.26 18.10
CA LEU D 4 11.81 -25.96 17.26
C LEU D 4 13.19 -25.81 17.85
N ILE D 5 13.96 -26.89 17.88
CA ILE D 5 15.34 -26.76 18.34
C ILE D 5 16.22 -27.49 17.35
N TRP D 6 17.28 -26.80 16.92
CA TRP D 6 18.23 -27.39 15.98
C TRP D 6 19.60 -26.73 16.08
N ALA D 7 20.60 -27.41 15.50
CA ALA D 7 21.94 -26.87 15.34
C ALA D 7 22.23 -26.84 13.83
N GLN D 8 22.78 -25.73 13.34
CA GLN D 8 23.02 -25.60 11.91
C GLN D 8 24.39 -25.00 11.67
N ALA D 9 24.99 -25.38 10.55
CA ALA D 9 26.11 -24.62 10.02
C ALA D 9 25.59 -23.25 9.62
N THR D 10 26.48 -22.26 9.54
CA THR D 10 26.03 -20.94 9.11
C THR D 10 25.23 -21.03 7.78
N SER D 11 25.62 -21.98 6.93
CA SER D 11 25.01 -22.16 5.62
C SER D 11 23.55 -22.58 5.67
N GLY D 12 23.14 -23.12 6.81
CA GLY D 12 21.80 -23.63 6.94
C GLY D 12 21.76 -25.15 6.97
N VAL D 13 22.87 -25.80 6.66
CA VAL D 13 22.89 -27.26 6.66
C VAL D 13 22.71 -27.81 8.08
N ILE D 14 21.78 -28.75 8.27
CA ILE D 14 21.61 -29.41 9.55
C ILE D 14 21.88 -30.91 9.46
N GLY D 15 21.90 -31.44 8.24
CA GLY D 15 22.15 -32.86 8.06
C GLY D 15 22.66 -33.20 6.68
N ARG D 16 23.45 -34.26 6.63
CA ARG D 16 23.94 -34.77 5.35
C ARG D 16 24.27 -36.26 5.50
N GLY D 17 23.80 -37.06 4.55
CA GLY D 17 24.05 -38.49 4.57
C GLY D 17 23.46 -39.18 5.78
N GLY D 18 22.42 -38.59 6.35
CA GLY D 18 21.76 -39.13 7.52
C GLY D 18 22.47 -38.77 8.81
N ASP D 19 23.46 -37.89 8.74
CA ASP D 19 24.24 -37.53 9.92
C ASP D 19 24.36 -36.02 10.12
N ILE D 20 24.60 -35.61 11.37
CA ILE D 20 24.93 -34.22 11.68
C ILE D 20 26.41 -34.04 11.36
N PRO D 21 26.74 -33.18 10.37
CA PRO D 21 28.07 -33.10 9.77
C PRO D 21 29.07 -32.25 10.55
N TRP D 22 29.06 -32.40 11.88
CA TRP D 22 30.05 -31.80 12.77
C TRP D 22 29.97 -32.41 14.16
N ARG D 23 30.95 -32.03 14.99
CA ARG D 23 31.06 -32.49 16.37
C ARG D 23 30.97 -31.30 17.32
N LEU D 24 30.01 -31.33 18.24
CA LEU D 24 29.82 -30.23 19.16
C LEU D 24 29.11 -30.70 20.43
N PRO D 25 29.85 -31.38 21.32
CA PRO D 25 29.28 -31.91 22.56
C PRO D 25 28.64 -30.83 23.44
N GLU D 26 29.14 -29.60 23.37
CA GLU D 26 28.55 -28.51 24.15
C GLU D 26 27.09 -28.30 23.73
N ASP D 27 26.80 -28.56 22.47
CA ASP D 27 25.44 -28.39 21.97
C ASP D 27 24.50 -29.44 22.57
N GLN D 28 24.99 -30.66 22.70
CA GLN D 28 24.18 -31.74 23.29
C GLN D 28 23.67 -31.36 24.69
N ALA D 29 24.55 -30.77 25.50
CA ALA D 29 24.15 -30.36 26.85
C ALA D 29 23.06 -29.30 26.79
N HIS D 30 23.21 -28.37 25.85
CA HIS D 30 22.25 -27.30 25.65
C HIS D 30 20.91 -27.89 25.21
N PHE D 31 20.97 -28.85 24.28
CA PHE D 31 19.78 -29.52 23.78
C PHE D 31 19.08 -30.26 24.92
N ARG D 32 19.86 -30.91 25.77
CA ARG D 32 19.28 -31.67 26.88
C ARG D 32 18.60 -30.73 27.85
N GLU D 33 19.23 -29.59 28.10
CA GLU D 33 18.71 -28.61 29.04
C GLU D 33 17.33 -28.07 28.63
N ILE D 34 17.16 -27.86 27.33
CA ILE D 34 15.90 -27.34 26.82
C ILE D 34 14.81 -28.40 26.82
N THR D 35 15.18 -29.63 26.44
CA THR D 35 14.20 -30.67 26.16
C THR D 35 13.86 -31.58 27.36
N MET D 36 14.70 -31.59 28.39
CA MET D 36 14.52 -32.55 29.47
C MET D 36 13.16 -32.39 30.16
N GLY D 37 12.47 -33.51 30.34
CA GLY D 37 11.17 -33.53 31.01
C GLY D 37 10.00 -33.22 30.11
N HIS D 38 10.25 -33.00 28.83
CA HIS D 38 9.19 -32.61 27.90
C HIS D 38 8.97 -33.65 26.82
N THR D 39 7.86 -33.48 26.11
CA THR D 39 7.64 -34.25 24.91
C THR D 39 8.53 -33.72 23.80
N ILE D 40 9.22 -34.63 23.13
CA ILE D 40 9.96 -34.29 21.93
C ILE D 40 9.35 -34.98 20.72
N VAL D 41 9.36 -34.29 19.58
CA VAL D 41 8.75 -34.81 18.36
C VAL D 41 9.82 -34.83 17.29
N MET D 42 9.90 -35.92 16.54
CA MET D 42 10.92 -36.08 15.53
C MET D 42 10.37 -36.90 14.37
N GLY D 43 10.94 -36.71 13.17
CA GLY D 43 10.62 -37.57 12.06
C GLY D 43 11.28 -38.92 12.22
N ARG D 44 10.77 -39.92 11.50
CA ARG D 44 11.29 -41.28 11.63
C ARG D 44 12.78 -41.40 11.31
N ARG D 45 13.24 -40.63 10.33
CA ARG D 45 14.66 -40.69 9.98
C ARG D 45 15.55 -40.21 11.12
N THR D 46 15.10 -39.18 11.82
CA THR D 46 15.83 -38.66 12.98
C THR D 46 15.79 -39.69 14.12
N TRP D 47 14.66 -40.36 14.30
CA TRP D 47 14.58 -41.45 15.28
C TRP D 47 15.65 -42.52 14.97
N ASP D 48 15.70 -42.95 13.72
CA ASP D 48 16.67 -43.96 13.31
C ASP D 48 18.10 -43.54 13.64
N SER D 49 18.38 -42.24 13.59
CA SER D 49 19.74 -41.75 13.74
C SER D 49 20.23 -41.69 15.18
N LEU D 50 19.31 -41.79 16.14
CA LEU D 50 19.70 -41.77 17.53
C LEU D 50 20.55 -43.00 17.83
N PRO D 51 21.67 -42.81 18.54
CA PRO D 51 22.43 -43.98 19.00
C PRO D 51 21.52 -44.89 19.83
N ALA D 52 21.65 -46.20 19.64
CA ALA D 52 20.81 -47.18 20.33
C ALA D 52 20.88 -47.02 21.84
N LYS D 53 22.04 -46.59 22.34
CA LYS D 53 22.25 -46.38 23.77
C LYS D 53 21.29 -45.34 24.34
N VAL D 54 20.84 -44.42 23.49
CA VAL D 54 19.93 -43.36 23.90
C VAL D 54 18.75 -43.24 22.95
N ARG D 55 18.25 -44.39 22.51
CA ARG D 55 17.02 -44.49 21.74
C ARG D 55 16.06 -45.41 22.51
N PRO D 56 15.02 -44.85 23.15
CA PRO D 56 14.59 -43.44 23.17
C PRO D 56 15.46 -42.54 24.04
N LEU D 57 15.40 -41.24 23.75
CA LEU D 57 16.08 -40.25 24.60
C LEU D 57 15.45 -40.24 25.99
N PRO D 58 16.26 -40.50 27.03
CA PRO D 58 15.67 -40.67 28.36
C PRO D 58 15.19 -39.35 28.95
N GLY D 59 14.17 -39.43 29.82
CA GLY D 59 13.66 -38.28 30.51
C GLY D 59 12.80 -37.40 29.62
N ARG D 60 12.55 -37.88 28.40
CA ARG D 60 11.71 -37.16 27.45
C ARG D 60 10.69 -38.11 26.85
N ARG D 61 9.51 -37.60 26.52
CA ARG D 61 8.51 -38.46 25.88
C ARG D 61 8.80 -38.39 24.39
N ASN D 62 9.31 -39.48 23.84
CA ASN D 62 9.72 -39.56 22.43
C ASN D 62 8.54 -39.81 21.49
N VAL D 63 8.21 -38.84 20.63
CA VAL D 63 7.10 -39.00 19.70
C VAL D 63 7.68 -39.02 18.29
N VAL D 64 7.36 -40.04 17.50
CA VAL D 64 8.00 -40.21 16.21
C VAL D 64 6.95 -40.20 15.10
N LEU D 65 7.14 -39.33 14.10
CA LEU D 65 6.19 -39.23 12.99
C LEU D 65 6.58 -40.19 11.87
N SER D 66 5.62 -40.99 11.40
CA SER D 66 5.86 -41.91 10.30
C SER D 66 4.56 -42.11 9.54
N ARG D 67 4.66 -42.26 8.23
CA ARG D 67 3.48 -42.56 7.41
C ARG D 67 3.26 -44.07 7.30
N GLN D 68 4.15 -44.85 7.88
CA GLN D 68 3.97 -46.30 7.95
C GLN D 68 3.14 -46.65 9.18
N ALA D 69 1.91 -47.12 8.95
CA ALA D 69 1.00 -47.41 10.05
C ALA D 69 1.57 -48.54 10.90
N ASP D 70 2.39 -49.36 10.27
CA ASP D 70 2.98 -50.55 10.90
C ASP D 70 4.18 -50.24 11.77
N PHE D 71 4.76 -49.05 11.62
CA PHE D 71 6.04 -48.77 12.25
C PHE D 71 5.93 -48.69 13.77
N MET D 72 6.75 -49.49 14.43
CA MET D 72 6.83 -49.47 15.88
C MET D 72 8.28 -49.36 16.29
N ALA D 73 8.50 -48.79 17.47
CA ALA D 73 9.85 -48.59 17.97
C ALA D 73 9.80 -48.50 19.47
N SER D 74 10.53 -49.39 20.14
CA SER D 74 10.58 -49.45 21.59
C SER D 74 10.84 -48.08 22.18
N GLY D 75 9.94 -47.65 23.07
CA GLY D 75 10.09 -46.40 23.78
C GLY D 75 9.56 -45.17 23.07
N ALA D 76 9.10 -45.34 21.83
CA ALA D 76 8.57 -44.19 21.10
C ALA D 76 7.07 -44.31 20.86
N GLU D 77 6.41 -43.18 20.88
CA GLU D 77 5.03 -43.11 20.42
C GLU D 77 5.02 -42.77 18.94
N VAL D 78 4.72 -43.76 18.12
CA VAL D 78 4.65 -43.54 16.68
C VAL D 78 3.27 -43.00 16.33
N VAL D 79 3.26 -41.89 15.61
CA VAL D 79 1.99 -41.28 15.22
C VAL D 79 2.03 -41.02 13.72
N GLY D 80 0.86 -40.96 13.10
CA GLY D 80 0.80 -40.82 11.65
C GLY D 80 0.55 -39.42 11.15
N SER D 81 0.40 -38.46 12.06
CA SER D 81 0.06 -37.09 11.68
C SER D 81 0.62 -36.09 12.68
N LEU D 82 0.84 -34.85 12.23
CA LEU D 82 1.39 -33.82 13.12
C LEU D 82 0.40 -33.48 14.23
N GLU D 83 -0.88 -33.46 13.88
CA GLU D 83 -1.91 -33.15 14.84
C GLU D 83 -1.83 -34.09 16.05
N GLU D 84 -1.57 -35.36 15.80
CA GLU D 84 -1.44 -36.35 16.89
C GLU D 84 -0.16 -36.12 17.68
N ALA D 85 0.82 -35.49 17.05
CA ALA D 85 2.13 -35.27 17.67
C ALA D 85 2.19 -34.06 18.62
N LEU D 86 1.27 -33.11 18.48
CA LEU D 86 1.47 -31.80 19.12
C LEU D 86 0.53 -31.48 20.28
N THR D 87 0.02 -32.51 20.94
CA THR D 87 -0.99 -32.30 21.96
C THR D 87 -0.43 -31.77 23.28
N SER D 88 0.83 -32.10 23.58
CA SER D 88 1.46 -31.61 24.81
C SER D 88 1.57 -30.09 24.79
N PRO D 89 1.19 -29.44 25.89
CA PRO D 89 1.25 -27.98 26.04
C PRO D 89 2.65 -27.41 25.79
N GLU D 90 3.69 -28.14 26.15
CA GLU D 90 5.04 -27.75 25.75
C GLU D 90 5.70 -28.89 24.98
N THR D 91 5.92 -28.66 23.69
CA THR D 91 6.47 -29.68 22.82
C THR D 91 7.69 -29.12 22.12
N TRP D 92 8.76 -29.92 22.04
CA TRP D 92 9.95 -29.52 21.30
C TRP D 92 10.13 -30.43 20.10
N VAL D 93 10.08 -29.83 18.90
CA VAL D 93 10.41 -30.56 17.69
C VAL D 93 11.92 -30.59 17.48
N ILE D 94 12.50 -31.78 17.42
CA ILE D 94 13.95 -31.94 17.40
C ILE D 94 14.50 -32.41 16.05
N GLY D 95 13.67 -32.37 15.01
CA GLY D 95 14.14 -32.63 13.64
C GLY D 95 13.38 -33.72 12.92
N GLY D 96 13.72 -34.00 11.67
CA GLY D 96 14.78 -33.29 10.95
C GLY D 96 14.21 -32.28 9.97
N GLY D 97 14.84 -32.17 8.80
CA GLY D 97 14.46 -31.16 7.82
C GLY D 97 13.00 -31.17 7.47
N GLN D 98 12.46 -32.35 7.18
CA GLN D 98 11.06 -32.48 6.79
C GLN D 98 10.11 -32.04 7.91
N VAL D 99 10.39 -32.47 9.13
CA VAL D 99 9.46 -32.21 10.22
C VAL D 99 9.54 -30.76 10.71
N TYR D 100 10.72 -30.12 10.62
CA TYR D 100 10.78 -28.68 10.92
C TYR D 100 9.88 -27.93 9.95
N ALA D 101 9.95 -28.27 8.67
CA ALA D 101 9.12 -27.60 7.68
C ALA D 101 7.64 -27.79 8.01
N LEU D 102 7.29 -29.00 8.41
CA LEU D 102 5.90 -29.35 8.71
C LEU D 102 5.36 -28.59 9.92
N ALA D 103 6.19 -28.46 10.96
CA ALA D 103 5.77 -27.92 12.25
C ALA D 103 5.95 -26.39 12.35
N LEU D 104 6.71 -25.81 11.44
CA LEU D 104 7.08 -24.39 11.52
C LEU D 104 5.86 -23.47 11.76
N PRO D 105 4.76 -23.67 11.01
CA PRO D 105 3.63 -22.75 11.26
C PRO D 105 3.06 -22.86 12.67
N TYR D 106 3.27 -23.98 13.33
CA TYR D 106 2.73 -24.22 14.67
C TYR D 106 3.64 -23.70 15.78
N ALA D 107 4.83 -23.27 15.40
CA ALA D 107 5.87 -22.94 16.37
C ALA D 107 5.85 -21.47 16.75
N THR D 108 6.16 -21.20 18.02
CA THR D 108 6.31 -19.84 18.53
C THR D 108 7.68 -19.63 19.21
N ARG D 109 8.49 -20.68 19.26
CA ARG D 109 9.87 -20.52 19.73
C ARG D 109 10.81 -21.34 18.86
N CYS D 110 11.98 -20.79 18.57
CA CYS D 110 13.07 -21.59 18.05
C CYS D 110 14.30 -21.39 18.92
N GLU D 111 14.97 -22.49 19.19
CA GLU D 111 16.25 -22.47 19.88
C GLU D 111 17.29 -22.99 18.92
N VAL D 112 18.15 -22.10 18.44
CA VAL D 112 19.11 -22.42 17.41
C VAL D 112 20.53 -22.34 17.92
N THR D 113 21.31 -23.38 17.62
CA THR D 113 22.76 -23.31 17.75
C THR D 113 23.38 -23.08 16.39
N GLU D 114 24.13 -21.99 16.23
CA GLU D 114 24.90 -21.73 15.01
C GLU D 114 26.32 -22.24 15.15
N VAL D 115 26.75 -23.05 14.19
CA VAL D 115 28.11 -23.61 14.21
C VAL D 115 28.91 -22.95 13.09
N ASP D 116 30.00 -22.29 13.47
CA ASP D 116 30.78 -21.51 12.52
C ASP D 116 31.75 -22.44 11.80
N ILE D 117 31.22 -23.27 10.92
CA ILE D 117 32.01 -24.16 10.08
C ILE D 117 31.72 -23.86 8.62
N GLY D 118 32.74 -24.02 7.78
CA GLY D 118 32.53 -23.86 6.36
C GLY D 118 31.93 -25.13 5.81
N LEU D 119 30.68 -25.03 5.36
CA LEU D 119 29.95 -26.20 4.89
C LEU D 119 28.87 -25.78 3.89
N PRO D 120 29.27 -25.38 2.68
CA PRO D 120 28.27 -24.96 1.69
C PRO D 120 27.23 -26.06 1.42
N ARG D 121 26.01 -25.64 1.12
CA ARG D 121 24.93 -26.61 0.87
C ARG D 121 25.24 -27.48 -0.34
N GLU D 122 24.80 -28.72 -0.25
CA GLU D 122 24.80 -29.65 -1.37
C GLU D 122 23.38 -30.18 -1.53
N ALA D 123 23.00 -30.51 -2.75
CA ALA D 123 21.63 -30.95 -3.02
C ALA D 123 21.27 -32.18 -2.19
N GLY D 124 20.06 -32.18 -1.63
CA GLY D 124 19.58 -33.28 -0.81
C GLY D 124 19.97 -33.14 0.65
N ASP D 125 20.73 -32.10 0.98
CA ASP D 125 21.01 -31.78 2.39
C ASP D 125 19.73 -31.57 3.18
N ALA D 126 19.73 -31.93 4.45
CA ALA D 126 18.66 -31.47 5.31
C ALA D 126 19.02 -30.04 5.74
N LEU D 127 18.06 -29.13 5.69
CA LEU D 127 18.30 -27.72 5.98
C LEU D 127 17.44 -27.20 7.13
N ALA D 128 17.93 -26.16 7.79
CA ALA D 128 17.15 -25.44 8.79
C ALA D 128 16.03 -24.66 8.11
N PRO D 129 14.88 -24.56 8.79
CA PRO D 129 13.83 -23.73 8.21
C PRO D 129 14.23 -22.26 8.25
N VAL D 130 13.68 -21.47 7.36
CA VAL D 130 14.00 -20.06 7.31
C VAL D 130 13.04 -19.30 8.23
N LEU D 131 13.61 -18.50 9.13
CA LEU D 131 12.81 -17.69 10.04
C LEU D 131 12.61 -16.31 9.44
N ASP D 132 11.36 -15.98 9.15
CA ASP D 132 11.05 -14.72 8.49
C ASP D 132 10.87 -13.60 9.50
N GLU D 133 10.32 -12.48 9.06
CA GLU D 133 10.27 -11.30 9.91
C GLU D 133 9.13 -11.34 10.93
N THR D 134 8.40 -12.45 11.00
CA THR D 134 7.44 -12.60 12.10
C THR D 134 8.18 -12.91 13.40
N TRP D 135 9.43 -13.34 13.29
CA TRP D 135 10.21 -13.75 14.45
C TRP D 135 11.06 -12.64 15.05
N ARG D 136 11.10 -12.61 16.38
CA ARG D 136 12.04 -11.78 17.13
C ARG D 136 13.17 -12.68 17.60
N GLY D 137 14.40 -12.20 17.55
CA GLY D 137 15.54 -13.01 17.96
C GLY D 137 16.51 -12.33 18.91
N GLU D 138 17.11 -13.13 19.79
CA GLU D 138 18.21 -12.65 20.63
C GLU D 138 19.45 -13.47 20.33
N THR D 139 20.54 -12.78 20.00
CA THR D 139 21.77 -13.45 19.63
C THR D 139 22.76 -13.47 20.80
N GLY D 140 23.14 -14.68 21.22
CA GLY D 140 24.12 -14.85 22.27
C GLY D 140 25.54 -14.58 21.79
N GLU D 141 26.46 -14.46 22.73
CA GLU D 141 27.87 -14.21 22.40
C GLU D 141 28.53 -15.48 21.88
N TRP D 142 29.46 -15.31 20.95
CA TRP D 142 30.21 -16.46 20.45
C TRP D 142 30.85 -17.21 21.60
N ARG D 143 30.74 -18.53 21.55
CA ARG D 143 31.39 -19.37 22.54
C ARG D 143 32.42 -20.21 21.79
N PHE D 144 33.33 -20.82 22.53
CA PHE D 144 34.42 -21.54 21.89
C PHE D 144 34.42 -22.99 22.35
N SER D 145 34.26 -23.88 21.39
CA SER D 145 34.12 -25.31 21.65
C SER D 145 35.46 -25.88 22.08
N ARG D 146 35.43 -26.64 23.18
CA ARG D 146 36.64 -27.20 23.79
C ARG D 146 37.48 -27.96 22.79
N SER D 147 36.91 -28.24 21.62
CA SER D 147 37.69 -28.81 20.53
C SER D 147 38.31 -27.69 19.68
N GLY D 148 37.46 -26.85 19.07
CA GLY D 148 37.96 -25.70 18.31
C GLY D 148 36.98 -24.89 17.48
N LEU D 149 35.71 -25.27 17.47
CA LEU D 149 34.71 -24.54 16.69
C LEU D 149 34.05 -23.40 17.46
N ARG D 150 33.85 -22.27 16.80
CA ARG D 150 33.04 -21.21 17.37
C ARG D 150 31.58 -21.62 17.17
N TYR D 151 30.77 -21.37 18.19
CA TYR D 151 29.33 -21.57 18.07
C TYR D 151 28.61 -20.53 18.92
N ARG D 152 27.33 -20.28 18.61
CA ARG D 152 26.57 -19.36 19.43
C ARG D 152 25.10 -19.77 19.43
N LEU D 153 24.38 -19.32 20.46
CA LEU D 153 22.95 -19.62 20.60
C LEU D 153 22.03 -18.47 20.23
N TYR D 154 20.95 -18.83 19.55
CA TYR D 154 19.86 -17.91 19.24
C TYR D 154 18.59 -18.35 19.92
N SER D 155 17.86 -17.40 20.46
CA SER D 155 16.53 -17.69 20.97
C SER D 155 15.54 -16.85 20.18
N TYR D 156 14.67 -17.50 19.41
CA TYR D 156 13.68 -16.76 18.64
C TYR D 156 12.30 -16.97 19.22
N HIS D 157 11.46 -15.95 19.12
CA HIS D 157 10.11 -16.03 19.63
C HIS D 157 9.18 -15.23 18.73
N ARG D 158 7.95 -15.71 18.62
CA ARG D 158 6.87 -14.90 18.09
C ARG D 158 5.65 -15.23 18.95
N SER D 159 4.80 -14.24 19.18
CA SER D 159 3.72 -14.44 20.15
C SER D 159 2.38 -14.62 19.47
PA NDP E . 13.98 16.74 -4.81
O1A NDP E . 14.52 18.10 -5.10
O2A NDP E . 12.80 16.56 -3.90
O5B NDP E . 13.53 16.01 -6.21
C5B NDP E . 14.67 15.80 -7.02
C4B NDP E . 14.15 15.28 -8.37
O4B NDP E . 13.55 16.36 -9.09
C3B NDP E . 15.24 14.69 -9.30
O3B NDP E . 15.50 13.37 -8.93
C2B NDP E . 14.42 14.73 -10.64
O2B NDP E . 13.42 13.86 -10.67
C1B NDP E . 13.74 16.14 -10.47
N9A NDP E . 14.54 17.25 -10.97
C8A NDP E . 15.59 17.94 -10.32
N7A NDP E . 16.12 18.92 -11.08
C5A NDP E . 15.36 18.85 -12.27
C6A NDP E . 15.40 19.61 -13.47
N6A NDP E . 16.30 20.63 -13.63
N1A NDP E . 14.53 19.34 -14.49
C2A NDP E . 13.64 18.31 -14.27
N3A NDP E . 13.50 17.50 -13.20
C4A NDP E . 14.38 17.81 -12.20
O3 NDP E . 15.22 15.71 -4.33
PN NDP E . 16.09 16.06 -3.01
O1N NDP E . 16.69 14.77 -2.61
O2N NDP E . 16.96 17.30 -3.13
O5D NDP E . 15.12 16.47 -1.64
C5D NDP E . 14.56 15.35 -1.08
C4D NDP E . 14.74 15.51 0.44
O4D NDP E . 14.21 16.80 0.84
C3D NDP E . 13.94 14.44 1.22
O3D NDP E . 14.76 14.01 2.26
C2D NDP E . 12.76 15.24 1.76
O2D NDP E . 12.32 14.77 2.99
C1D NDP E . 13.47 16.59 2.00
N1N NDP E . 12.46 17.67 2.10
C2N NDP E . 12.48 18.55 3.18
C3N NDP E . 11.66 19.65 3.17
C7N NDP E . 11.68 20.55 4.30
O7N NDP E . 11.08 21.64 4.29
N7N NDP E . 12.40 20.19 5.42
C4N NDP E . 10.77 19.96 2.01
C5N NDP E . 10.73 18.89 1.01
C6N NDP E . 11.52 17.82 1.07
P2B NDP E . 13.69 12.31 -11.58
O1X NDP E . 14.78 11.75 -10.72
O2X NDP E . 12.31 11.64 -11.48
O3X NDP E . 14.09 12.88 -12.91
C4 U75 F . 7.27 21.27 5.45
C5 U75 F . 7.53 21.30 4.08
C6 U75 F . 7.92 22.51 3.53
N1 U75 F . 8.03 23.59 4.32
N3 U75 F . 7.39 22.38 6.19
CAI U75 F . 5.41 20.21 6.51
CAH U75 F . 6.86 20.07 6.06
C2 U75 F . 7.79 23.53 5.62
NAJ U75 F . 7.91 24.64 6.34
NAG U75 F . 8.19 22.60 2.22
CAK U75 F . 7.39 20.13 3.33
CAL U75 F . 7.23 19.07 2.78
CAM U75 F . 6.98 17.74 2.21
CAN U75 F . 6.04 17.08 3.02
CAO U75 F . 4.75 17.62 3.24
CAS U75 F . 6.40 15.87 3.60
CAR U75 F . 5.49 15.20 4.41
OBB U75 F . 5.88 14.01 4.98
CBC U75 F . 6.95 13.42 4.22
CAQ U75 F . 4.22 15.73 4.64
CAP U75 F . 3.84 16.95 4.08
CAT U75 F . 2.55 17.46 4.30
CAU U75 F . 2.28 18.83 4.20
CAV U75 F . 0.98 19.33 4.37
CAW U75 F . -0.07 18.48 4.68
CAZ U75 F . -1.37 18.98 4.85
OBD U75 F . -2.27 18.28 5.40
OBA U75 F . -1.65 20.12 4.43
CAX U75 F . 0.20 17.12 4.77
CAY U75 F . 1.48 16.61 4.59
C ACT G . 1.82 7.94 -7.57
O ACT G . 3.07 8.15 -7.50
OXT ACT G . 1.35 7.77 -8.72
CH3 ACT G . 0.95 7.92 -6.35
H1 ACT G . 1.56 8.11 -5.46
H2 ACT G . 0.47 6.94 -6.26
H3 ACT G . 0.19 8.69 -6.44
NA NA H . 6.54 34.52 14.39
PA NDP I . -13.23 7.01 -20.67
O1A NDP I . -12.47 7.88 -19.73
O2A NDP I . -14.15 7.61 -21.71
O5B NDP I . -12.18 6.04 -21.47
C5B NDP I . -11.46 5.25 -20.52
C4B NDP I . -10.42 4.47 -21.36
O4B NDP I . -9.36 5.37 -21.71
C3B NDP I . -9.76 3.24 -20.67
O3B NDP I . -10.57 2.12 -20.76
C2B NDP I . -8.55 3.10 -21.64
O2B NDP I . -8.89 2.71 -22.88
C1B NDP I . -8.16 4.61 -21.78
N9A NDP I . -7.27 5.07 -20.74
C8A NDP I . -7.57 5.49 -19.43
N7A NDP I . -6.47 5.88 -18.75
C5A NDP I . -5.42 5.71 -19.67
C6A NDP I . -4.05 5.93 -19.58
N6A NDP I . -3.48 6.41 -18.42
N1A NDP I . -3.21 5.68 -20.65
C2A NDP I . -3.84 5.21 -21.78
N3A NDP I . -5.13 4.94 -22.01
C4A NDP I . -5.92 5.22 -20.92
O3 NDP I . -14.08 5.83 -19.82
PN NDP I . -15.08 6.25 -18.61
O1N NDP I . -15.96 5.08 -18.41
O2N NDP I . -14.44 6.92 -17.41
O5D NDP I . -16.20 7.45 -19.15
C5D NDP I . -17.14 6.87 -19.99
C4D NDP I . -18.50 7.48 -19.62
O4D NDP I . -18.41 8.91 -19.67
C3D NDP I . -19.59 7.04 -20.65
O3D NDP I . -20.74 6.73 -19.92
C2D NDP I . -19.80 8.34 -21.45
O2D NDP I . -21.10 8.49 -21.92
C1D NDP I . -19.55 9.39 -20.33
N1N NDP I . -19.26 10.73 -20.88
C2N NDP I . -19.98 11.83 -20.43
C3N NDP I . -19.55 13.09 -20.74
C7N NDP I . -20.27 14.23 -20.25
O7N NDP I . -19.86 15.38 -20.42
N7N NDP I . -21.45 14.05 -19.56
C4N NDP I . -18.32 13.34 -21.55
C5N NDP I . -17.78 12.11 -22.13
C6N NDP I . -18.24 10.90 -21.81
P2B NDP I . -8.52 0.97 -23.30
O1X NDP I . -9.57 0.33 -22.43
O2X NDP I . -8.77 0.94 -24.81
O3X NDP I . -7.11 0.90 -22.83
C4 U75 J . -21.05 16.89 -23.94
C5 U75 J . -19.76 16.35 -23.86
C6 U75 J . -18.80 17.08 -23.15
N1 U75 J . -19.13 18.22 -22.58
N3 U75 J . -21.32 18.06 -23.36
CAI U75 J . -22.27 17.00 -25.98
CAH U75 J . -22.04 16.23 -24.66
C2 U75 J . -20.37 18.71 -22.67
NAJ U75 J . -20.66 19.87 -22.10
NAG U75 J . -17.58 16.57 -23.04
CAK U75 J . -19.49 15.10 -24.52
CAL U75 J . -19.37 14.06 -25.09
CAM U75 J . -19.30 12.78 -25.85
CAN U75 J . -20.29 12.82 -26.86
CAO U75 J . -20.34 13.82 -27.85
CAS U75 J . -21.26 11.83 -26.84
CAR U75 J . -22.27 11.82 -27.81
OBB U75 J . -23.21 10.83 -27.77
CBC U75 J . -22.82 9.75 -26.91
CAQ U75 J . -22.31 12.82 -28.79
CAP U75 J . -21.35 13.84 -28.81
CAT U75 J . -21.38 14.82 -29.81
CAU U75 J . -21.98 14.57 -31.04
CAV U75 J . -21.99 15.54 -32.04
CAW U75 J . -21.39 16.78 -31.84
CAZ U75 J . -21.39 17.75 -32.85
OBD U75 J . -22.13 17.65 -33.87
OBA U75 J . -20.59 18.72 -32.78
CAX U75 J . -20.78 17.04 -30.61
CAY U75 J . -20.78 16.07 -29.61
C1 GOL K . -13.07 2.75 -36.15
O1 GOL K . -13.08 2.01 -37.36
C2 GOL K . -13.88 2.08 -35.05
O2 GOL K . -13.70 2.76 -33.82
C3 GOL K . -15.36 2.00 -35.42
O3 GOL K . -15.65 0.71 -35.93
H11 GOL K . -12.06 2.89 -35.82
H12 GOL K . -13.50 3.74 -36.35
HO1 GOL K . -12.61 2.52 -38.06
H2 GOL K . -13.50 1.05 -34.93
HO2 GOL K . -14.07 3.67 -33.89
H31 GOL K . -15.97 2.19 -34.53
H32 GOL K . -15.59 2.75 -36.16
HO3 GOL K . -16.15 0.20 -35.26
PA NDP L . -14.03 -18.58 4.15
O1A NDP L . -14.61 -17.81 5.29
O2A NDP L . -12.84 -18.07 3.38
O5B NDP L . -13.61 -20.08 4.66
C5B NDP L . -14.74 -20.70 5.25
C4B NDP L . -14.22 -22.04 5.81
O4B NDP L . -13.58 -21.78 7.05
C3B NDP L . -15.32 -23.11 6.11
O3B NDP L . -15.62 -23.81 4.95
C2B NDP L . -14.52 -24.01 7.08
O2B NDP L . -13.51 -24.64 6.49
C1B NDP L . -13.83 -22.90 7.91
N9A NDP L . -14.62 -22.46 9.00
C8A NDP L . -15.71 -21.55 9.00
N7A NDP L . -16.23 -21.38 10.22
C5A NDP L . -15.44 -22.21 11.04
C6A NDP L . -15.45 -22.49 12.42
N6A NDP L . -16.37 -21.89 13.26
N1A NDP L . -14.55 -23.35 12.98
C2A NDP L . -13.65 -23.91 12.11
N3A NDP L . -13.52 -23.76 10.79
C4A NDP L . -14.44 -22.88 10.27
O3 NDP L . -15.27 -18.98 3.03
PN NDP L . -16.20 -17.82 2.40
O1N NDP L . -16.78 -18.46 1.20
O2N NDP L . -17.06 -17.04 3.36
O5D NDP L . -15.19 -16.58 1.72
C5D NDP L . -14.64 -17.03 0.55
C4D NDP L . -14.83 -15.91 -0.47
O4D NDP L . -14.28 -14.67 0.09
C3D NDP L . -14.03 -16.19 -1.76
O3D NDP L . -14.84 -15.79 -2.85
C2D NDP L . -12.82 -15.28 -1.61
O2D NDP L . -12.32 -14.84 -2.84
C1D NDP L . -13.48 -14.06 -0.90
N1N NDP L . -12.45 -13.20 -0.26
C2N NDP L . -12.43 -11.83 -0.51
C3N NDP L . -11.72 -11.00 0.31
C7N NDP L . -11.74 -9.57 0.03
O7N NDP L . -11.15 -8.77 0.77
N7N NDP L . -12.46 -9.09 -1.06
C4N NDP L . -10.97 -11.51 1.49
C5N NDP L . -10.81 -12.96 1.43
C6N NDP L . -11.51 -13.74 0.61
P2B NDP L . -13.76 -26.39 6.19
O1X NDP L . -14.79 -26.27 5.11
O2X NDP L . -12.37 -26.87 5.73
O3X NDP L . -14.22 -26.81 7.55
C4 U75 M . -7.35 -8.22 -0.26
C5 U75 M . -7.61 -9.12 0.78
C6 U75 M . -7.99 -8.60 2.02
N1 U75 M . -8.11 -7.28 2.17
N3 U75 M . -7.49 -6.90 -0.04
CAI U75 M . -5.44 -8.47 -1.68
CAH U75 M . -6.95 -8.67 -1.51
C2 U75 M . -7.86 -6.44 1.16
NAJ U75 M . -7.99 -5.14 1.39
NAG U75 M . -8.27 -9.43 3.04
CAK U75 M . -7.47 -10.54 0.54
CAL U75 M . -7.31 -11.69 0.24
CAM U75 M . -7.06 -13.10 -0.24
CAN U75 M . -6.13 -13.04 -1.31
CAO U75 M . -4.86 -12.49 -1.14
CAS U75 M . -6.52 -13.54 -2.55
CAR U75 M . -5.64 -13.48 -3.62
OBB U75 M . -6.04 -13.97 -4.84
CBC U75 M . -7.31 -14.63 -4.75
CAQ U75 M . -4.37 -12.93 -3.45
CAP U75 M . -3.97 -12.40 -2.22
CAT U75 M . -2.68 -11.88 -2.03
CAU U75 M . -2.42 -10.94 -1.03
CAV U75 M . -1.13 -10.44 -0.81
CAW U75 M . -0.07 -10.87 -1.63
CAZ U75 M . 1.22 -10.37 -1.41
OBD U75 M . 2.14 -10.57 -2.24
OBA U75 M . 1.48 -9.79 -0.33
CAX U75 M . -0.33 -11.80 -2.63
CAY U75 M . -1.61 -12.31 -2.83
C1 GOL N . -17.99 11.19 -2.54
O1 GOL N . -17.05 12.04 -1.94
C2 GOL N . -18.30 10.05 -1.58
O2 GOL N . -18.35 10.55 -0.26
C3 GOL N . -19.62 9.37 -1.92
O3 GOL N . -20.44 9.35 -0.77
H11 GOL N . -18.90 11.73 -2.78
H12 GOL N . -17.58 10.79 -3.47
HO1 GOL N . -16.79 12.74 -2.57
H2 GOL N . -17.50 9.31 -1.66
HO2 GOL N . -19.08 11.19 -0.19
H31 GOL N . -20.13 9.92 -2.72
H32 GOL N . -19.44 8.35 -2.27
HO3 GOL N . -21.31 9.72 -0.98
C1 GOL O . -9.75 -4.24 23.10
O1 GOL O . -11.05 -3.77 23.42
C2 GOL O . -9.73 -5.73 23.36
O2 GOL O . -10.93 -6.29 22.86
C3 GOL O . -8.49 -6.31 22.71
O3 GOL O . -8.72 -6.58 21.35
H11 GOL O . -9.54 -4.03 22.05
H12 GOL O . -9.01 -3.74 23.71
HO1 GOL O . -11.08 -2.79 23.34
H2 GOL O . -9.67 -5.90 24.44
HO2 GOL O . -11.00 -6.14 21.90
H31 GOL O . -7.66 -5.60 22.80
H32 GOL O . -8.19 -7.23 23.22
HO3 GOL O . -8.02 -7.16 21.00
PA NDP P . 13.13 -36.48 9.21
O1A NDP P . 12.37 -35.22 9.11
O2A NDP P . 14.08 -36.73 10.36
O5B NDP P . 12.09 -37.73 9.17
C5B NDP P . 11.37 -37.69 7.93
C4B NDP P . 10.33 -38.83 8.05
O4B NDP P . 9.29 -38.39 8.90
C3B NDP P . 9.67 -39.26 6.71
O3B NDP P . 10.49 -40.19 6.04
C2B NDP P . 8.43 -39.99 7.30
O2B NDP P . 8.73 -41.11 7.96
C1B NDP P . 8.08 -38.97 8.44
N9A NDP P . 7.20 -37.92 8.02
C8A NDP P . 7.54 -36.71 7.34
N7A NDP P . 6.47 -35.94 7.11
C5A NDP P . 5.39 -36.68 7.67
C6A NDP P . 4.00 -36.44 7.76
N6A NDP P . 3.44 -35.29 7.26
N1A NDP P . 3.17 -37.34 8.37
C2A NDP P . 3.78 -38.48 8.85
N3A NDP P . 5.06 -38.85 8.83
C4A NDP P . 5.87 -37.91 8.23
O3 NDP P . 14.02 -36.78 7.80
PN NDP P . 15.02 -35.65 7.22
O1N NDP P . 15.86 -36.35 6.22
O2N NDP P . 14.35 -34.34 6.83
O5D NDP P . 16.15 -35.14 8.44
C5D NDP P . 17.07 -36.14 8.66
C4D NDP P . 18.42 -35.46 8.82
O4D NDP P . 18.30 -34.42 9.81
C3D NDP P . 19.50 -36.46 9.32
O3D NDP P . 20.65 -36.23 8.54
C2D NDP P . 19.72 -36.00 10.76
O2D NDP P . 21.03 -36.19 11.17
C1D NDP P . 19.46 -34.48 10.60
N1N NDP P . 19.17 -33.84 11.91
C2N NDP P . 19.87 -32.73 12.32
C3N NDP P . 19.48 -32.04 13.43
C7N NDP P . 20.23 -30.86 13.83
O7N NDP P . 19.84 -30.10 14.71
N7N NDP P . 21.42 -30.58 13.18
C4N NDP P . 18.27 -32.42 14.21
C5N NDP P . 17.72 -33.70 13.80
C6N NDP P . 18.16 -34.36 12.70
P2B NDP P . 8.41 -42.66 7.10
O1X NDP P . 9.51 -42.55 6.08
O2X NDP P . 8.61 -43.70 8.21
O3X NDP P . 7.01 -42.38 6.63
C4 U75 Q . 20.98 -31.44 18.40
C5 U75 Q . 19.69 -31.76 17.94
C6 U75 Q . 18.76 -30.74 17.90
N1 U75 Q . 19.12 -29.51 18.25
N3 U75 Q . 21.28 -30.19 18.75
CAI U75 Q . 22.27 -32.68 19.98
CAH U75 Q . 21.97 -32.43 18.49
C2 U75 Q . 20.34 -29.22 18.69
NAJ U75 Q . 20.63 -27.97 19.05
NAG U75 Q . 17.51 -31.01 17.46
CAK U75 Q . 19.41 -33.08 17.59
CAL U75 Q . 19.27 -34.26 17.31
CAM U75 Q . 19.20 -35.71 17.00
CAN U75 Q . 20.19 -36.37 17.76
CAO U75 Q . 20.22 -36.31 19.16
CAS U75 Q . 21.16 -37.09 17.08
CAR U75 Q . 22.16 -37.76 17.79
OBB U75 Q . 23.11 -38.48 17.13
CBC U75 Q . 22.88 -38.55 15.71
CAQ U75 Q . 22.19 -37.69 19.18
CAP U75 Q . 21.23 -36.96 19.89
CAT U75 Q . 21.25 -36.91 21.30
CAU U75 Q . 20.67 -35.85 22.00
CAV U75 Q . 20.67 -35.81 23.40
CAW U75 Q . 21.24 -36.85 24.13
CAZ U75 Q . 21.25 -36.83 25.53
OBD U75 Q . 20.51 -36.01 26.15
OBA U75 Q . 21.95 -37.62 26.19
CAX U75 Q . 21.82 -37.91 23.43
CAY U75 Q . 21.83 -37.95 22.04
C1 GOL R . 13.81 -49.32 18.47
O1 GOL R . 15.16 -48.94 18.30
C2 GOL R . 13.40 -50.38 17.45
O2 GOL R . 12.50 -51.28 18.07
C3 GOL R . 12.74 -49.71 16.25
O3 GOL R . 13.43 -48.53 15.89
H11 GOL R . 13.66 -49.70 19.48
H12 GOL R . 13.18 -48.43 18.35
HO1 GOL R . 15.38 -48.21 18.93
H2 GOL R . 14.29 -50.90 17.12
HO2 GOL R . 11.71 -50.79 18.37
H31 GOL R . 12.72 -50.40 15.41
H32 GOL R . 11.70 -49.47 16.49
HO3 GOL R . 13.15 -48.26 14.99
C1 GOL S . 15.53 -44.37 4.42
O1 GOL S . 15.80 -43.23 5.21
C2 GOL S . 14.24 -44.14 3.65
O2 GOL S . 14.53 -43.88 2.29
C3 GOL S . 13.33 -45.35 3.77
O3 GOL S . 12.12 -45.10 3.08
H11 GOL S . 16.35 -44.55 3.73
H12 GOL S . 15.44 -45.25 5.06
HO1 GOL S . 16.60 -43.40 5.76
H2 GOL S . 13.72 -43.28 4.09
HO2 GOL S . 14.97 -44.66 1.90
H31 GOL S . 13.83 -46.23 3.34
H32 GOL S . 13.13 -45.57 4.81
HO3 GOL S . 12.30 -45.06 2.12
#